data_4J7Q
#
_entry.id   4J7Q
#
_cell.length_a   52.889
_cell.length_b   144.149
_cell.length_c   55.656
_cell.angle_alpha   90.00
_cell.angle_beta   111.28
_cell.angle_gamma   90.00
#
_symmetry.space_group_name_H-M   'P 1 21 1'
#
loop_
_entity.id
_entity.type
_entity.pdbx_description
1 polymer 'Phosphatidylinositol transfer protein PDR16'
2 non-polymer '(1R)-2-{[(S)-hydroxy{[(1S,2R,3R,4S,5S,6R)-2,3,4,5,6-pentahydroxycyclohexyl]oxy}phosphoryl]oxy}-1-[(octadecanoyloxy)methyl]ethyl (9Z)-octadec-9-enoate'
3 water water
#
_entity_poly.entity_id   1
_entity_poly.type   'polypeptide(L)'
_entity_poly.pdbx_seq_one_letter_code
;GSPKNLINIDKPIKELPASIAIPKEKPLTGEQQKMYDEVLKHFSNPDLKVYTSEKNKSEDDLKPLEEEEKAWLTRECFLR
YLRATKWVLKDCIDRITMTLAWRREFGISHLGEEHGDKITADLVAVENESGKQVILGYENDARPILYLKPGRQNTKTSHR
QVQHLVFMLERVIDFMPAGQDSLALLIDFKDYPDVPKVPGNSKIPPIGVGKEVLHILQTHYPERLGKALLTNIPWLAWTF
LKLIHPFIDPLTREKLVFDEPFVKYVPKNELDSLYGGDLKFKYNHDVYWPALVETAREKRDHYFKRFQSFGGIVGLSEVD
LRGTHEKLLYPVK
;
_entity_poly.pdbx_strand_id   A,B
#
# COMPACT_ATOMS: atom_id res chain seq x y z
N LYS A 4 30.80 -1.86 -24.78
CA LYS A 4 29.31 -1.90 -24.76
C LYS A 4 28.84 -2.67 -23.52
N ASN A 5 29.54 -3.75 -23.20
CA ASN A 5 29.23 -4.58 -22.04
C ASN A 5 27.84 -5.22 -22.11
N LEU A 6 26.99 -4.72 -23.00
CA LEU A 6 25.65 -5.24 -23.16
C LEU A 6 25.62 -6.61 -23.84
N ILE A 7 24.77 -7.48 -23.31
CA ILE A 7 24.61 -8.84 -23.85
C ILE A 7 23.25 -8.90 -24.53
N ASN A 8 23.24 -9.16 -25.84
CA ASN A 8 21.98 -9.27 -26.57
C ASN A 8 21.36 -10.62 -26.29
N ILE A 9 20.15 -10.61 -25.74
CA ILE A 9 19.46 -11.84 -25.40
C ILE A 9 17.98 -11.73 -25.76
N ASP A 10 17.40 -12.84 -26.23
CA ASP A 10 15.99 -12.84 -26.61
C ASP A 10 15.23 -14.09 -26.19
N LYS A 11 15.84 -14.89 -25.33
CA LYS A 11 15.21 -16.12 -24.84
C LYS A 11 15.51 -16.30 -23.36
N PRO A 12 14.70 -17.10 -22.65
CA PRO A 12 14.94 -17.32 -21.22
C PRO A 12 16.28 -17.98 -20.98
N ILE A 13 16.89 -17.69 -19.83
CA ILE A 13 18.15 -18.30 -19.46
C ILE A 13 17.74 -19.62 -18.82
N LYS A 14 18.08 -20.71 -19.50
CA LYS A 14 17.68 -22.05 -19.07
C LYS A 14 18.12 -22.56 -17.71
N GLU A 15 19.37 -22.29 -17.33
CA GLU A 15 19.87 -22.78 -16.06
C GLU A 15 20.50 -21.74 -15.17
N LEU A 16 20.45 -22.01 -13.87
CA LEU A 16 21.06 -21.13 -12.88
C LEU A 16 22.55 -21.25 -13.11
N PRO A 17 23.25 -20.11 -13.25
CA PRO A 17 24.70 -20.18 -13.47
C PRO A 17 25.41 -20.65 -12.21
N ALA A 18 26.57 -21.29 -12.39
CA ALA A 18 27.35 -21.79 -11.27
C ALA A 18 27.83 -20.68 -10.34
N SER A 19 27.81 -19.44 -10.84
CA SER A 19 28.25 -18.30 -10.04
C SER A 19 27.26 -17.87 -8.95
N ILE A 20 26.07 -18.44 -8.97
CA ILE A 20 25.04 -18.12 -7.97
C ILE A 20 24.79 -19.35 -7.09
N ALA A 21 25.07 -19.19 -5.80
CA ALA A 21 24.89 -20.29 -4.85
C ALA A 21 23.45 -20.46 -4.39
N ILE A 22 23.09 -21.71 -4.07
CA ILE A 22 21.76 -22.02 -3.60
C ILE A 22 21.76 -21.84 -2.08
N PRO A 23 20.90 -20.95 -1.57
CA PRO A 23 20.82 -20.71 -0.12
C PRO A 23 20.57 -21.99 0.64
N LYS A 24 21.31 -22.20 1.71
CA LYS A 24 21.16 -23.41 2.53
C LYS A 24 19.88 -23.34 3.37
N GLU A 25 19.16 -24.44 3.43
CA GLU A 25 17.91 -24.52 4.19
C GLU A 25 18.17 -24.87 5.66
N LYS A 26 17.46 -24.19 6.55
CA LYS A 26 17.60 -24.44 7.98
C LYS A 26 16.78 -25.68 8.36
N PRO A 27 17.42 -26.66 9.00
CA PRO A 27 16.73 -27.90 9.42
C PRO A 27 15.48 -27.64 10.25
N LEU A 28 14.55 -28.57 10.20
CA LEU A 28 13.30 -28.47 10.95
C LEU A 28 13.53 -28.83 12.41
N THR A 29 12.73 -28.24 13.29
CA THR A 29 12.84 -28.53 14.72
C THR A 29 12.14 -29.84 15.00
N GLY A 30 12.18 -30.29 16.26
CA GLY A 30 11.53 -31.53 16.62
C GLY A 30 10.03 -31.47 16.37
N GLU A 31 9.39 -30.44 16.89
CA GLU A 31 7.95 -30.28 16.73
C GLU A 31 7.57 -30.11 15.26
N GLN A 32 8.34 -29.29 14.55
CA GLN A 32 8.08 -29.05 13.13
C GLN A 32 8.13 -30.36 12.35
N GLN A 33 9.11 -31.20 12.66
CA GLN A 33 9.27 -32.50 12.00
C GLN A 33 8.08 -33.41 12.29
N LYS A 34 7.61 -33.39 13.53
CA LYS A 34 6.47 -34.21 13.91
C LYS A 34 5.23 -33.80 13.12
N MET A 35 4.98 -32.50 13.02
CA MET A 35 3.83 -32.00 12.29
C MET A 35 3.95 -32.30 10.81
N TYR A 36 5.16 -32.18 10.27
CA TYR A 36 5.40 -32.47 8.87
C TYR A 36 5.03 -33.92 8.59
N ASP A 37 5.44 -34.83 9.47
CA ASP A 37 5.12 -36.24 9.28
C ASP A 37 3.62 -36.50 9.28
N GLU A 38 2.87 -35.66 10.00
CA GLU A 38 1.41 -35.81 10.05
C GLU A 38 0.82 -35.44 8.69
N VAL A 39 1.39 -34.41 8.06
CA VAL A 39 0.90 -33.98 6.76
C VAL A 39 1.25 -35.05 5.73
N LEU A 40 2.46 -35.60 5.83
CA LEU A 40 2.90 -36.65 4.92
C LEU A 40 1.98 -37.86 5.04
N LYS A 41 1.64 -38.23 6.27
CA LYS A 41 0.76 -39.37 6.49
C LYS A 41 -0.62 -39.14 5.88
N HIS A 42 -1.16 -37.94 6.08
CA HIS A 42 -2.47 -37.60 5.55
C HIS A 42 -2.53 -37.77 4.04
N PHE A 43 -1.58 -37.17 3.33
CA PHE A 43 -1.58 -37.26 1.88
C PHE A 43 -1.01 -38.53 1.28
N SER A 44 -0.47 -39.41 2.12
CA SER A 44 0.09 -40.68 1.67
C SER A 44 -0.95 -41.79 1.77
N ASN A 45 -2.08 -41.48 2.39
CA ASN A 45 -3.16 -42.44 2.55
C ASN A 45 -3.73 -42.86 1.19
N PRO A 46 -3.57 -44.13 0.81
CA PRO A 46 -4.06 -44.63 -0.47
C PRO A 46 -5.56 -44.51 -0.70
N ASP A 47 -6.33 -44.34 0.38
CA ASP A 47 -7.77 -44.22 0.26
C ASP A 47 -8.25 -42.78 0.25
N LEU A 48 -7.31 -41.85 0.26
CA LEU A 48 -7.64 -40.43 0.26
C LEU A 48 -8.37 -39.98 -1.00
N LYS A 49 -9.43 -39.20 -0.81
CA LYS A 49 -10.20 -38.64 -1.91
C LYS A 49 -10.35 -37.15 -1.61
N VAL A 50 -10.17 -36.33 -2.64
CA VAL A 50 -10.24 -34.88 -2.49
C VAL A 50 -11.28 -34.24 -3.41
N TYR A 51 -11.79 -33.08 -3.01
CA TYR A 51 -12.77 -32.35 -3.80
C TYR A 51 -12.28 -32.18 -5.23
N THR A 52 -13.21 -32.10 -6.16
CA THR A 52 -12.88 -31.94 -7.58
C THR A 52 -12.95 -30.48 -8.02
N SER A 53 -13.33 -29.61 -7.09
CA SER A 53 -13.45 -28.18 -7.39
C SER A 53 -13.42 -27.39 -6.10
N GLU A 54 -13.00 -26.13 -6.18
CA GLU A 54 -12.98 -25.28 -5.00
C GLU A 54 -14.28 -24.47 -4.98
N LYS A 55 -14.55 -23.76 -6.07
CA LYS A 55 -15.76 -22.95 -6.17
C LYS A 55 -17.04 -23.77 -6.13
N ASN A 56 -16.93 -25.06 -6.47
CA ASN A 56 -18.10 -25.95 -6.46
C ASN A 56 -17.87 -27.19 -5.60
N LYS A 57 -17.03 -27.05 -4.59
CA LYS A 57 -16.72 -28.16 -3.69
C LYS A 57 -17.98 -28.87 -3.21
N SER A 58 -17.93 -30.20 -3.21
CA SER A 58 -19.06 -31.01 -2.78
C SER A 58 -18.58 -32.29 -2.12
N GLU A 59 -19.20 -32.65 -0.99
CA GLU A 59 -18.82 -33.86 -0.29
C GLU A 59 -19.25 -35.06 -1.12
N ASP A 60 -20.16 -34.83 -2.07
CA ASP A 60 -20.64 -35.90 -2.93
C ASP A 60 -19.78 -36.10 -4.17
N ASP A 61 -18.70 -35.35 -4.29
CA ASP A 61 -17.83 -35.48 -5.44
C ASP A 61 -16.37 -35.39 -5.04
N LEU A 62 -15.82 -36.53 -4.64
CA LEU A 62 -14.44 -36.63 -4.22
C LEU A 62 -13.74 -37.65 -5.11
N LYS A 63 -12.49 -37.34 -5.49
CA LYS A 63 -11.73 -38.24 -6.34
C LYS A 63 -10.31 -38.40 -5.81
N PRO A 64 -9.74 -39.60 -5.92
CA PRO A 64 -8.39 -39.89 -5.45
C PRO A 64 -7.31 -39.08 -6.16
N LEU A 65 -6.12 -39.05 -5.57
CA LEU A 65 -5.01 -38.33 -6.15
C LEU A 65 -4.51 -39.04 -7.41
N GLU A 66 -4.27 -38.26 -8.46
CA GLU A 66 -3.75 -38.83 -9.69
C GLU A 66 -2.23 -38.81 -9.59
N GLU A 67 -1.57 -39.56 -10.47
CA GLU A 67 -0.12 -39.62 -10.46
C GLU A 67 0.53 -38.23 -10.45
N GLU A 68 0.06 -37.35 -11.33
CA GLU A 68 0.58 -35.99 -11.43
C GLU A 68 0.37 -35.15 -10.18
N GLU A 69 -0.68 -35.43 -9.42
CA GLU A 69 -0.94 -34.69 -8.20
C GLU A 69 0.00 -35.16 -7.09
N LYS A 70 0.34 -36.44 -7.09
CA LYS A 70 1.28 -36.94 -6.10
C LYS A 70 2.65 -36.30 -6.34
N ALA A 71 2.95 -36.03 -7.60
CA ALA A 71 4.22 -35.41 -7.96
C ALA A 71 4.29 -33.94 -7.54
N TRP A 72 3.12 -33.33 -7.34
CA TRP A 72 3.04 -31.93 -6.91
C TRP A 72 3.11 -31.85 -5.39
N LEU A 73 2.67 -32.91 -4.72
CA LEU A 73 2.66 -32.98 -3.27
C LEU A 73 4.04 -33.41 -2.76
N THR A 74 4.98 -32.48 -2.87
CA THR A 74 6.35 -32.70 -2.47
C THR A 74 6.64 -32.24 -1.04
N ARG A 75 7.83 -32.59 -0.57
CA ARG A 75 8.29 -32.20 0.75
C ARG A 75 8.21 -30.69 0.89
N GLU A 76 8.73 -29.96 -0.10
CA GLU A 76 8.72 -28.51 -0.07
C GLU A 76 7.32 -27.93 -0.19
N CYS A 77 6.43 -28.62 -0.90
CA CYS A 77 5.06 -28.14 -1.01
C CYS A 77 4.46 -28.16 0.40
N PHE A 78 4.65 -29.27 1.11
CA PHE A 78 4.13 -29.38 2.47
C PHE A 78 4.68 -28.26 3.33
N LEU A 79 6.00 -28.03 3.23
CA LEU A 79 6.65 -27.00 4.00
C LEU A 79 6.17 -25.59 3.66
N ARG A 80 5.89 -25.33 2.38
CA ARG A 80 5.40 -24.01 2.02
C ARG A 80 4.06 -23.73 2.72
N TYR A 81 3.19 -24.73 2.74
CA TYR A 81 1.89 -24.57 3.38
C TYR A 81 1.99 -24.56 4.91
N LEU A 82 2.91 -25.35 5.46
CA LEU A 82 3.07 -25.37 6.91
C LEU A 82 3.52 -24.00 7.40
N ARG A 83 4.44 -23.37 6.68
CA ARG A 83 4.92 -22.05 7.08
C ARG A 83 3.81 -21.00 6.91
N ALA A 84 3.12 -21.05 5.77
CA ALA A 84 2.06 -20.12 5.48
C ALA A 84 0.92 -20.16 6.50
N THR A 85 0.62 -21.36 6.99
CA THR A 85 -0.45 -21.54 7.97
C THR A 85 0.04 -21.42 9.41
N LYS A 86 1.29 -20.98 9.59
CA LYS A 86 1.86 -20.81 10.91
C LYS A 86 1.86 -22.10 11.73
N TRP A 87 2.17 -23.20 11.06
CA TRP A 87 2.24 -24.52 11.66
C TRP A 87 1.01 -24.95 12.46
N VAL A 88 -0.14 -24.85 11.82
CA VAL A 88 -1.40 -25.29 12.40
C VAL A 88 -1.81 -26.42 11.47
N LEU A 89 -1.63 -27.66 11.93
CA LEU A 89 -1.92 -28.84 11.14
C LEU A 89 -3.24 -28.84 10.38
N LYS A 90 -4.34 -28.59 11.10
CA LYS A 90 -5.67 -28.55 10.50
C LYS A 90 -5.73 -27.59 9.31
N ASP A 91 -5.25 -26.36 9.52
CA ASP A 91 -5.27 -25.35 8.47
C ASP A 91 -4.37 -25.73 7.29
N CYS A 92 -3.21 -26.31 7.59
CA CYS A 92 -2.28 -26.71 6.55
C CYS A 92 -2.93 -27.75 5.63
N ILE A 93 -3.46 -28.81 6.24
CA ILE A 93 -4.11 -29.86 5.47
C ILE A 93 -5.29 -29.33 4.64
N ASP A 94 -6.11 -28.49 5.25
CA ASP A 94 -7.26 -27.93 4.54
C ASP A 94 -6.82 -27.07 3.35
N ARG A 95 -5.80 -26.26 3.55
CA ARG A 95 -5.30 -25.38 2.49
C ARG A 95 -4.70 -26.15 1.32
N ILE A 96 -3.92 -27.20 1.62
CA ILE A 96 -3.33 -27.99 0.54
C ILE A 96 -4.48 -28.65 -0.22
N THR A 97 -5.45 -29.18 0.52
CA THR A 97 -6.60 -29.83 -0.08
C THR A 97 -7.36 -28.89 -1.01
N MET A 98 -7.60 -27.66 -0.58
CA MET A 98 -8.32 -26.74 -1.43
C MET A 98 -7.54 -26.27 -2.66
N THR A 99 -6.21 -26.24 -2.57
CA THR A 99 -5.43 -25.87 -3.75
C THR A 99 -5.50 -27.02 -4.75
N LEU A 100 -5.45 -28.26 -4.26
CA LEU A 100 -5.56 -29.40 -5.16
C LEU A 100 -6.90 -29.29 -5.89
N ALA A 101 -7.93 -28.91 -5.15
CA ALA A 101 -9.26 -28.75 -5.73
C ALA A 101 -9.32 -27.63 -6.75
N TRP A 102 -8.71 -26.49 -6.42
CA TRP A 102 -8.70 -25.37 -7.35
C TRP A 102 -7.89 -25.69 -8.60
N ARG A 103 -6.76 -26.37 -8.45
CA ARG A 103 -5.95 -26.71 -9.63
C ARG A 103 -6.76 -27.59 -10.57
N ARG A 104 -7.60 -28.45 -10.00
CA ARG A 104 -8.45 -29.31 -10.82
C ARG A 104 -9.47 -28.46 -11.55
N GLU A 105 -10.16 -27.59 -10.82
CA GLU A 105 -11.18 -26.75 -11.43
C GLU A 105 -10.62 -25.80 -12.47
N PHE A 106 -9.44 -25.25 -12.21
CA PHE A 106 -8.82 -24.27 -13.11
C PHE A 106 -8.24 -24.85 -14.38
N GLY A 107 -7.88 -26.13 -14.36
CA GLY A 107 -7.33 -26.76 -15.54
C GLY A 107 -5.82 -26.93 -15.54
N ILE A 108 -5.21 -27.00 -14.36
CA ILE A 108 -3.76 -27.17 -14.25
C ILE A 108 -3.36 -28.26 -13.26
N SER A 109 -4.21 -29.27 -13.07
CA SER A 109 -3.92 -30.34 -12.12
C SER A 109 -3.05 -31.48 -12.66
N HIS A 110 -2.64 -31.39 -13.92
CA HIS A 110 -1.86 -32.47 -14.53
C HIS A 110 -0.38 -32.21 -14.81
N LEU A 111 0.15 -31.11 -14.28
CA LEU A 111 1.56 -30.77 -14.48
C LEU A 111 1.91 -30.68 -15.96
N GLY A 112 1.08 -29.97 -16.71
CA GLY A 112 1.36 -29.79 -18.13
C GLY A 112 0.27 -30.20 -19.08
N GLU A 113 0.17 -29.49 -20.19
CA GLU A 113 -0.83 -29.80 -21.19
C GLU A 113 -0.52 -31.18 -21.77
N GLU A 114 0.73 -31.60 -21.68
CA GLU A 114 1.14 -32.91 -22.19
C GLU A 114 0.49 -34.03 -21.39
N HIS A 115 -0.06 -33.69 -20.22
CA HIS A 115 -0.72 -34.68 -19.38
C HIS A 115 -2.23 -34.42 -19.30
N GLY A 116 -2.70 -33.43 -20.07
CA GLY A 116 -4.12 -33.14 -20.07
C GLY A 116 -4.61 -31.79 -19.58
N ASP A 117 -3.70 -30.90 -19.19
CA ASP A 117 -4.12 -29.57 -18.71
C ASP A 117 -4.94 -28.84 -19.76
N LYS A 118 -6.02 -28.19 -19.31
CA LYS A 118 -6.86 -27.41 -20.22
C LYS A 118 -6.16 -26.10 -20.51
N ILE A 119 -5.36 -25.63 -19.56
CA ILE A 119 -4.61 -24.40 -19.77
C ILE A 119 -3.36 -24.73 -20.56
N THR A 120 -3.39 -24.40 -21.84
CA THR A 120 -2.28 -24.68 -22.74
C THR A 120 -1.55 -23.42 -23.12
N ALA A 121 -0.35 -23.59 -23.67
CA ALA A 121 0.46 -22.46 -24.10
C ALA A 121 -0.27 -21.71 -25.22
N ASP A 122 -0.93 -22.46 -26.10
CA ASP A 122 -1.65 -21.86 -27.22
C ASP A 122 -2.83 -21.02 -26.74
N LEU A 123 -3.49 -21.47 -25.68
CA LEU A 123 -4.64 -20.75 -25.14
C LEU A 123 -4.26 -19.36 -24.65
N VAL A 124 -3.11 -19.26 -23.98
CA VAL A 124 -2.67 -17.99 -23.40
C VAL A 124 -1.60 -17.21 -24.15
N ALA A 125 -1.02 -17.80 -25.19
CA ALA A 125 0.05 -17.15 -25.94
C ALA A 125 -0.23 -15.71 -26.35
N VAL A 126 -1.43 -15.46 -26.89
CA VAL A 126 -1.77 -14.12 -27.33
C VAL A 126 -1.59 -13.06 -26.24
N GLU A 127 -1.84 -13.45 -24.99
CA GLU A 127 -1.70 -12.54 -23.86
C GLU A 127 -0.27 -12.02 -23.65
N ASN A 128 0.72 -12.77 -24.13
CA ASN A 128 2.12 -12.37 -23.95
C ASN A 128 2.75 -11.74 -25.19
N GLU A 129 1.95 -11.54 -26.23
CA GLU A 129 2.48 -10.99 -27.48
C GLU A 129 3.22 -9.65 -27.37
N SER A 130 2.88 -8.84 -26.39
CA SER A 130 3.54 -7.54 -26.21
C SER A 130 4.59 -7.60 -25.12
N GLY A 131 4.87 -8.81 -24.61
CA GLY A 131 5.87 -8.97 -23.58
C GLY A 131 5.55 -8.32 -22.25
N LYS A 132 4.28 -8.35 -21.83
CA LYS A 132 3.90 -7.75 -20.56
C LYS A 132 4.35 -8.58 -19.37
N GLN A 133 4.76 -9.82 -19.64
CA GLN A 133 5.29 -10.70 -18.60
C GLN A 133 6.49 -11.40 -19.22
N VAL A 134 7.60 -11.44 -18.50
CA VAL A 134 8.80 -12.07 -19.02
C VAL A 134 9.57 -12.83 -17.94
N ILE A 135 9.89 -14.09 -18.23
CA ILE A 135 10.66 -14.91 -17.33
C ILE A 135 12.08 -14.86 -17.88
N LEU A 136 13.00 -14.30 -17.09
CA LEU A 136 14.37 -14.14 -17.53
C LEU A 136 15.35 -13.91 -16.38
N GLY A 137 16.35 -14.77 -16.28
CA GLY A 137 17.37 -14.61 -15.24
C GLY A 137 17.07 -15.08 -13.84
N TYR A 138 18.09 -15.01 -12.99
CA TYR A 138 18.02 -15.43 -11.60
C TYR A 138 18.71 -14.37 -10.74
N GLU A 139 18.21 -14.15 -9.53
CA GLU A 139 18.84 -13.15 -8.68
C GLU A 139 19.84 -13.70 -7.65
N ASN A 140 20.29 -12.83 -6.74
CA ASN A 140 21.30 -13.22 -5.77
C ASN A 140 21.09 -14.47 -4.95
N ASP A 141 19.83 -14.82 -4.68
CA ASP A 141 19.54 -16.01 -3.88
C ASP A 141 19.03 -17.17 -4.74
N ALA A 142 19.35 -17.12 -6.03
CA ALA A 142 18.98 -18.16 -6.99
C ALA A 142 17.50 -18.19 -7.37
N ARG A 143 16.76 -17.14 -7.04
CA ARG A 143 15.34 -17.10 -7.39
C ARG A 143 15.14 -16.72 -8.86
N PRO A 144 14.29 -17.45 -9.58
CA PRO A 144 14.07 -17.08 -10.99
C PRO A 144 13.31 -15.77 -10.99
N ILE A 145 13.56 -14.94 -12.00
CA ILE A 145 12.92 -13.63 -12.10
C ILE A 145 11.76 -13.58 -13.07
N LEU A 146 10.66 -12.98 -12.61
CA LEU A 146 9.48 -12.78 -13.44
C LEU A 146 9.26 -11.28 -13.50
N TYR A 147 9.31 -10.72 -14.71
CA TYR A 147 9.09 -9.30 -14.93
C TYR A 147 7.61 -9.06 -15.20
N LEU A 148 7.05 -8.03 -14.58
CA LEU A 148 5.66 -7.68 -14.79
C LEU A 148 5.68 -6.25 -15.31
N LYS A 149 5.11 -6.03 -16.49
CA LYS A 149 5.09 -4.71 -17.11
C LYS A 149 3.65 -4.37 -17.50
N PRO A 150 2.83 -4.01 -16.50
CA PRO A 150 1.43 -3.67 -16.72
C PRO A 150 1.19 -2.58 -17.77
N GLY A 151 2.21 -1.76 -18.00
CA GLY A 151 2.08 -0.68 -18.97
C GLY A 151 2.07 -1.18 -20.41
N ARG A 152 2.31 -2.48 -20.58
CA ARG A 152 2.33 -3.08 -21.91
C ARG A 152 1.09 -3.93 -22.18
N GLN A 153 0.03 -3.71 -21.41
CA GLN A 153 -1.22 -4.44 -21.59
C GLN A 153 -1.66 -4.41 -23.04
N ASN A 154 -1.95 -5.60 -23.60
CA ASN A 154 -2.35 -5.70 -24.99
C ASN A 154 -3.73 -6.31 -25.22
N THR A 155 -4.39 -6.74 -24.15
CA THR A 155 -5.71 -7.34 -24.30
C THR A 155 -6.74 -6.73 -23.36
N LYS A 156 -8.00 -6.91 -23.68
CA LYS A 156 -9.08 -6.39 -22.84
C LYS A 156 -9.33 -7.37 -21.71
N THR A 157 -9.97 -6.89 -20.66
CA THR A 157 -10.26 -7.72 -19.49
C THR A 157 -11.04 -8.99 -19.85
N SER A 158 -10.54 -10.13 -19.37
CA SER A 158 -11.18 -11.41 -19.62
C SER A 158 -10.61 -12.46 -18.69
N HIS A 159 -11.25 -13.62 -18.63
CA HIS A 159 -10.78 -14.71 -17.79
C HIS A 159 -9.46 -15.25 -18.33
N ARG A 160 -9.23 -15.07 -19.62
CA ARG A 160 -8.00 -15.55 -20.25
C ARG A 160 -6.80 -14.82 -19.67
N GLN A 161 -7.01 -13.59 -19.23
CA GLN A 161 -5.92 -12.83 -18.63
C GLN A 161 -5.47 -13.50 -17.34
N VAL A 162 -6.43 -14.08 -16.62
CA VAL A 162 -6.14 -14.77 -15.37
C VAL A 162 -5.43 -16.08 -15.68
N GLN A 163 -5.91 -16.78 -16.69
CA GLN A 163 -5.30 -18.04 -17.11
C GLN A 163 -3.85 -17.81 -17.52
N HIS A 164 -3.60 -16.68 -18.17
CA HIS A 164 -2.26 -16.33 -18.61
C HIS A 164 -1.35 -16.08 -17.40
N LEU A 165 -1.83 -15.31 -16.44
CA LEU A 165 -1.05 -15.02 -15.24
C LEU A 165 -0.71 -16.30 -14.51
N VAL A 166 -1.69 -17.19 -14.37
CA VAL A 166 -1.45 -18.46 -13.69
C VAL A 166 -0.44 -19.29 -14.48
N PHE A 167 -0.60 -19.34 -15.80
CA PHE A 167 0.32 -20.10 -16.64
C PHE A 167 1.75 -19.60 -16.46
N MET A 168 1.94 -18.29 -16.49
CA MET A 168 3.28 -17.72 -16.33
C MET A 168 3.86 -18.02 -14.95
N LEU A 169 3.02 -18.00 -13.93
CA LEU A 169 3.47 -18.29 -12.57
C LEU A 169 3.92 -19.76 -12.51
N GLU A 170 3.16 -20.62 -13.17
CA GLU A 170 3.51 -22.03 -13.19
C GLU A 170 4.82 -22.23 -13.95
N ARG A 171 5.06 -21.42 -14.97
CA ARG A 171 6.29 -21.55 -15.74
C ARG A 171 7.50 -21.05 -14.95
N VAL A 172 7.35 -19.99 -14.18
CA VAL A 172 8.49 -19.51 -13.42
C VAL A 172 8.80 -20.54 -12.33
N ILE A 173 7.78 -21.25 -11.86
CA ILE A 173 8.01 -22.28 -10.84
C ILE A 173 8.77 -23.42 -11.50
N ASP A 174 8.48 -23.70 -12.77
CA ASP A 174 9.21 -24.76 -13.49
C ASP A 174 10.70 -24.40 -13.57
N PHE A 175 10.99 -23.10 -13.60
CA PHE A 175 12.37 -22.62 -13.69
C PHE A 175 13.13 -22.60 -12.36
N MET A 176 12.46 -22.97 -11.28
CA MET A 176 13.11 -22.99 -9.98
C MET A 176 14.34 -23.91 -9.97
N PRO A 177 15.51 -23.39 -9.58
CA PRO A 177 16.69 -24.25 -9.56
C PRO A 177 16.52 -25.23 -8.40
N ALA A 178 17.10 -26.42 -8.51
CA ALA A 178 16.99 -27.41 -7.46
C ALA A 178 17.50 -26.79 -6.15
N GLY A 179 16.64 -26.72 -5.15
CA GLY A 179 17.05 -26.16 -3.87
C GLY A 179 16.40 -24.83 -3.53
N GLN A 180 15.73 -24.22 -4.50
CA GLN A 180 15.05 -22.94 -4.28
C GLN A 180 13.59 -23.09 -4.72
N ASP A 181 12.67 -22.48 -3.98
CA ASP A 181 11.25 -22.58 -4.33
C ASP A 181 10.48 -21.26 -4.25
N SER A 182 11.22 -20.15 -4.19
CA SER A 182 10.60 -18.83 -4.17
C SER A 182 11.07 -18.06 -5.40
N LEU A 183 10.28 -17.10 -5.84
CA LEU A 183 10.59 -16.32 -7.03
C LEU A 183 10.82 -14.85 -6.72
N ALA A 184 11.35 -14.13 -7.71
CA ALA A 184 11.59 -12.71 -7.55
C ALA A 184 10.76 -12.01 -8.60
N LEU A 185 9.98 -11.02 -8.18
CA LEU A 185 9.16 -10.27 -9.11
C LEU A 185 9.82 -8.91 -9.33
N LEU A 186 9.87 -8.49 -10.58
CA LEU A 186 10.41 -7.17 -10.90
C LEU A 186 9.25 -6.49 -11.61
N ILE A 187 8.64 -5.53 -10.93
CA ILE A 187 7.49 -4.82 -11.48
C ILE A 187 7.85 -3.44 -11.98
N ASP A 188 7.58 -3.21 -13.26
CA ASP A 188 7.86 -1.93 -13.92
C ASP A 188 6.51 -1.28 -14.19
N PHE A 189 6.21 -0.22 -13.45
CA PHE A 189 4.94 0.48 -13.60
C PHE A 189 4.92 1.54 -14.70
N LYS A 190 6.01 1.66 -15.44
CA LYS A 190 6.10 2.65 -16.51
C LYS A 190 5.07 2.44 -17.61
N ASP A 191 4.50 3.53 -18.10
CA ASP A 191 3.52 3.47 -19.18
C ASP A 191 4.29 3.30 -20.47
N TYR A 192 3.84 2.38 -21.33
CA TYR A 192 4.53 2.12 -22.58
C TYR A 192 3.78 2.47 -23.87
N PRO A 193 3.79 3.76 -24.25
CA PRO A 193 3.10 4.21 -25.47
C PRO A 193 3.89 3.78 -26.71
N ASP A 194 3.74 2.51 -27.06
CA ASP A 194 4.39 1.91 -28.22
C ASP A 194 3.58 0.65 -28.40
N VAL A 195 2.98 0.24 -27.29
CA VAL A 195 2.11 -0.93 -27.24
C VAL A 195 0.73 -0.34 -27.41
N PRO A 196 0.15 -0.48 -28.62
CA PRO A 196 -1.18 0.05 -28.90
C PRO A 196 -2.20 -0.26 -27.81
N LYS A 197 -2.88 0.79 -27.33
CA LYS A 197 -3.87 0.64 -26.29
C LYS A 197 -5.07 -0.15 -26.83
N VAL A 198 -5.76 -0.84 -25.93
CA VAL A 198 -6.92 -1.64 -26.32
C VAL A 198 -8.21 -0.85 -26.06
N PRO A 199 -9.12 -0.83 -27.04
CA PRO A 199 -8.98 -1.51 -28.35
C PRO A 199 -7.96 -0.83 -29.25
N GLY A 208 -15.11 -9.45 -12.50
CA GLY A 208 -14.47 -9.77 -11.24
C GLY A 208 -13.09 -10.38 -11.42
N VAL A 209 -12.33 -9.87 -12.39
CA VAL A 209 -10.98 -10.36 -12.67
C VAL A 209 -10.03 -10.07 -11.51
N GLY A 210 -10.11 -8.85 -10.98
CA GLY A 210 -9.24 -8.49 -9.88
C GLY A 210 -9.47 -9.32 -8.64
N LYS A 211 -10.73 -9.60 -8.38
CA LYS A 211 -11.10 -10.40 -7.23
C LYS A 211 -10.61 -11.84 -7.39
N GLU A 212 -10.72 -12.38 -8.61
CA GLU A 212 -10.27 -13.74 -8.85
C GLU A 212 -8.74 -13.83 -8.72
N VAL A 213 -8.03 -12.88 -9.31
CA VAL A 213 -6.57 -12.87 -9.21
C VAL A 213 -6.16 -12.81 -7.75
N LEU A 214 -6.79 -11.92 -6.99
CA LEU A 214 -6.48 -11.77 -5.58
C LEU A 214 -6.68 -13.09 -4.83
N HIS A 215 -7.82 -13.73 -5.06
CA HIS A 215 -8.11 -15.00 -4.39
C HIS A 215 -7.04 -16.03 -4.68
N ILE A 216 -6.66 -16.16 -5.94
CA ILE A 216 -5.65 -17.14 -6.32
C ILE A 216 -4.31 -16.86 -5.64
N LEU A 217 -3.87 -15.61 -5.70
CA LEU A 217 -2.59 -15.24 -5.11
C LEU A 217 -2.54 -15.34 -3.60
N GLN A 218 -3.66 -15.07 -2.94
CA GLN A 218 -3.69 -15.11 -1.49
C GLN A 218 -4.02 -16.50 -0.93
N THR A 219 -4.45 -17.40 -1.79
CA THR A 219 -4.84 -18.73 -1.34
C THR A 219 -4.05 -19.91 -1.88
N HIS A 220 -3.66 -19.83 -3.15
CA HIS A 220 -3.01 -20.96 -3.79
C HIS A 220 -1.54 -20.95 -4.16
N TYR A 221 -0.81 -19.93 -3.70
CA TYR A 221 0.62 -19.84 -3.97
C TYR A 221 1.38 -19.38 -2.74
N PRO A 222 1.19 -20.09 -1.61
CA PRO A 222 1.88 -19.70 -0.39
C PRO A 222 3.39 -19.81 -0.45
N GLU A 223 4.06 -18.89 0.23
CA GLU A 223 5.53 -18.85 0.32
C GLU A 223 6.27 -18.85 -1.01
N ARG A 224 5.70 -18.19 -2.01
CA ARG A 224 6.36 -18.11 -3.30
C ARG A 224 7.07 -16.78 -3.53
N LEU A 225 6.58 -15.72 -2.90
CA LEU A 225 7.19 -14.40 -3.07
C LEU A 225 8.48 -14.23 -2.28
N GLY A 226 9.61 -14.27 -2.97
CA GLY A 226 10.89 -14.11 -2.30
C GLY A 226 11.24 -12.63 -2.19
N LYS A 227 11.11 -11.93 -3.30
CA LYS A 227 11.42 -10.50 -3.36
C LYS A 227 10.53 -9.86 -4.41
N ALA A 228 10.15 -8.61 -4.18
CA ALA A 228 9.35 -7.86 -5.12
C ALA A 228 10.09 -6.55 -5.35
N LEU A 229 10.69 -6.41 -6.53
CA LEU A 229 11.44 -5.20 -6.89
C LEU A 229 10.52 -4.29 -7.68
N LEU A 230 10.32 -3.08 -7.18
CA LEU A 230 9.44 -2.12 -7.82
C LEU A 230 10.21 -0.95 -8.43
N THR A 231 9.82 -0.55 -9.63
CA THR A 231 10.49 0.57 -10.30
C THR A 231 9.51 1.35 -11.17
N ASN A 232 9.89 2.58 -11.51
CA ASN A 232 9.06 3.46 -12.34
C ASN A 232 7.69 3.63 -11.69
N ILE A 233 7.69 3.75 -10.36
CA ILE A 233 6.46 3.92 -9.59
C ILE A 233 5.89 5.32 -9.78
N PRO A 234 4.60 5.40 -10.17
CA PRO A 234 3.94 6.69 -10.37
C PRO A 234 4.17 7.59 -9.17
N TRP A 235 4.51 8.84 -9.44
CA TRP A 235 4.76 9.82 -8.39
C TRP A 235 3.74 9.75 -7.26
N LEU A 236 2.47 9.82 -7.62
CA LEU A 236 1.39 9.77 -6.65
C LEU A 236 1.39 8.45 -5.91
N ALA A 237 1.54 7.36 -6.66
CA ALA A 237 1.58 6.01 -6.09
C ALA A 237 2.72 5.87 -5.09
N TRP A 238 3.88 6.43 -5.45
CA TRP A 238 5.05 6.37 -4.60
C TRP A 238 4.76 6.98 -3.24
N THR A 239 4.20 8.19 -3.25
CA THR A 239 3.88 8.89 -2.02
C THR A 239 3.00 8.04 -1.11
N PHE A 240 1.97 7.44 -1.68
CA PHE A 240 1.07 6.60 -0.89
C PHE A 240 1.75 5.36 -0.34
N LEU A 241 2.69 4.79 -1.09
CA LEU A 241 3.42 3.62 -0.63
C LEU A 241 4.29 4.00 0.56
N LYS A 242 4.96 5.15 0.46
CA LYS A 242 5.82 5.63 1.53
C LYS A 242 5.04 5.95 2.81
N LEU A 243 3.79 6.38 2.65
CA LEU A 243 2.96 6.71 3.80
C LEU A 243 2.51 5.50 4.60
N ILE A 244 2.22 4.40 3.91
CA ILE A 244 1.77 3.19 4.61
C ILE A 244 2.93 2.27 4.98
N HIS A 245 4.07 2.44 4.31
CA HIS A 245 5.24 1.61 4.56
C HIS A 245 5.63 1.42 6.02
N PRO A 246 5.60 2.49 6.83
CA PRO A 246 5.98 2.33 8.24
C PRO A 246 5.04 1.42 9.03
N PHE A 247 3.85 1.19 8.50
CA PHE A 247 2.86 0.37 9.19
C PHE A 247 2.71 -1.05 8.65
N ILE A 248 3.67 -1.48 7.84
CA ILE A 248 3.66 -2.82 7.27
C ILE A 248 4.50 -3.76 8.14
N ASP A 249 4.05 -5.01 8.28
CA ASP A 249 4.76 -6.01 9.07
C ASP A 249 6.21 -6.15 8.60
N PRO A 250 7.15 -6.32 9.54
CA PRO A 250 8.58 -6.45 9.22
C PRO A 250 8.90 -7.51 8.15
N LEU A 251 8.34 -8.70 8.29
CA LEU A 251 8.59 -9.78 7.33
C LEU A 251 8.17 -9.40 5.92
N THR A 252 7.07 -8.68 5.80
CA THR A 252 6.57 -8.25 4.50
C THR A 252 7.44 -7.12 3.96
N ARG A 253 7.85 -6.21 4.83
CA ARG A 253 8.68 -5.09 4.41
C ARG A 253 10.01 -5.60 3.83
N GLU A 254 10.49 -6.72 4.37
CA GLU A 254 11.75 -7.30 3.90
C GLU A 254 11.65 -7.85 2.49
N LYS A 255 10.43 -8.08 2.02
CA LYS A 255 10.22 -8.61 0.67
C LYS A 255 10.17 -7.50 -0.37
N LEU A 256 9.82 -6.30 0.06
CA LEU A 256 9.69 -5.16 -0.84
C LEU A 256 10.98 -4.37 -1.05
N VAL A 257 11.28 -4.11 -2.31
CA VAL A 257 12.48 -3.35 -2.65
C VAL A 257 12.12 -2.22 -3.62
N PHE A 258 12.40 -0.99 -3.20
CA PHE A 258 12.14 0.17 -4.04
C PHE A 258 13.14 1.26 -3.69
N ASP A 259 13.38 2.17 -4.63
CA ASP A 259 14.34 3.25 -4.44
C ASP A 259 15.73 2.74 -4.10
N GLU A 260 16.06 1.57 -4.66
CA GLU A 260 17.37 0.95 -4.47
C GLU A 260 17.83 0.43 -5.82
N PRO A 261 19.15 0.40 -6.05
CA PRO A 261 19.62 -0.12 -7.34
C PRO A 261 19.33 -1.62 -7.42
N PHE A 262 18.71 -2.05 -8.50
CA PHE A 262 18.38 -3.47 -8.68
C PHE A 262 19.64 -4.34 -8.65
N VAL A 263 20.78 -3.80 -9.07
CA VAL A 263 22.01 -4.57 -9.09
C VAL A 263 22.48 -5.01 -7.70
N LYS A 264 21.89 -4.43 -6.66
CA LYS A 264 22.26 -4.81 -5.31
C LYS A 264 21.57 -6.13 -4.95
N TYR A 265 20.57 -6.49 -5.74
CA TYR A 265 19.80 -7.71 -5.51
C TYR A 265 19.88 -8.72 -6.65
N VAL A 266 20.38 -8.29 -7.80
CA VAL A 266 20.48 -9.16 -8.97
C VAL A 266 21.83 -8.98 -9.65
N PRO A 267 22.49 -10.09 -10.02
CA PRO A 267 23.79 -9.95 -10.70
C PRO A 267 23.59 -9.15 -11.98
N LYS A 268 24.53 -8.27 -12.30
CA LYS A 268 24.40 -7.46 -13.49
C LYS A 268 24.11 -8.28 -14.75
N ASN A 269 24.76 -9.42 -14.89
CA ASN A 269 24.56 -10.27 -16.06
C ASN A 269 23.29 -11.11 -16.01
N GLU A 270 22.42 -10.82 -15.05
CA GLU A 270 21.15 -11.53 -14.89
C GLU A 270 20.02 -10.52 -14.86
N LEU A 271 20.35 -9.26 -15.11
CA LEU A 271 19.37 -8.18 -15.04
C LEU A 271 19.22 -7.37 -16.34
N ASP A 272 17.97 -7.06 -16.68
CA ASP A 272 17.65 -6.28 -17.88
C ASP A 272 18.38 -4.93 -17.78
N SER A 273 18.97 -4.50 -18.89
CA SER A 273 19.70 -3.23 -18.92
C SER A 273 18.80 -2.03 -18.63
N LEU A 274 17.50 -2.17 -18.86
CA LEU A 274 16.56 -1.09 -18.62
C LEU A 274 16.53 -0.73 -17.14
N TYR A 275 16.95 -1.67 -16.30
CA TYR A 275 16.94 -1.46 -14.86
C TYR A 275 18.32 -1.47 -14.24
N GLY A 276 19.34 -1.24 -15.07
CA GLY A 276 20.70 -1.20 -14.57
C GLY A 276 21.59 -2.40 -14.86
N GLY A 277 21.02 -3.45 -15.43
CA GLY A 277 21.80 -4.64 -15.74
C GLY A 277 22.54 -4.58 -17.07
N ASP A 278 23.10 -5.72 -17.48
CA ASP A 278 23.82 -5.79 -18.74
C ASP A 278 23.08 -6.57 -19.83
N LEU A 279 21.91 -7.09 -19.52
CA LEU A 279 21.14 -7.84 -20.50
C LEU A 279 20.31 -6.95 -21.41
N LYS A 280 20.68 -6.88 -22.69
CA LYS A 280 19.94 -6.07 -23.64
C LYS A 280 18.84 -6.97 -24.18
N PHE A 281 17.67 -6.89 -23.58
CA PHE A 281 16.55 -7.72 -23.96
C PHE A 281 15.47 -6.99 -24.77
N LYS A 282 15.09 -7.58 -25.89
CA LYS A 282 14.04 -7.01 -26.71
C LYS A 282 13.06 -8.16 -26.93
N TYR A 283 11.81 -7.95 -26.54
CA TYR A 283 10.81 -9.00 -26.68
C TYR A 283 10.40 -9.25 -28.12
N ASN A 284 10.60 -10.49 -28.55
CA ASN A 284 10.25 -10.95 -29.90
C ASN A 284 9.44 -12.22 -29.66
N HIS A 285 8.12 -12.09 -29.69
CA HIS A 285 7.21 -13.21 -29.42
C HIS A 285 7.52 -14.53 -30.12
N ASP A 286 7.76 -14.48 -31.44
CA ASP A 286 8.01 -15.69 -32.19
C ASP A 286 9.32 -16.40 -31.84
N VAL A 287 10.17 -15.74 -31.06
CA VAL A 287 11.44 -16.33 -30.66
C VAL A 287 11.36 -16.67 -29.18
N TYR A 288 10.97 -15.69 -28.38
CA TYR A 288 10.88 -15.88 -26.94
C TYR A 288 9.85 -16.90 -26.46
N TRP A 289 8.62 -16.80 -26.95
CA TRP A 289 7.57 -17.69 -26.50
C TRP A 289 7.84 -19.19 -26.70
N PRO A 290 8.16 -19.60 -27.93
CA PRO A 290 8.42 -21.03 -28.11
C PRO A 290 9.59 -21.52 -27.25
N ALA A 291 10.57 -20.66 -27.03
CA ALA A 291 11.73 -21.03 -26.23
C ALA A 291 11.31 -21.22 -24.77
N LEU A 292 10.47 -20.31 -24.27
CA LEU A 292 9.98 -20.41 -22.90
C LEU A 292 9.20 -21.70 -22.73
N VAL A 293 8.27 -21.95 -23.65
CA VAL A 293 7.43 -23.13 -23.59
C VAL A 293 8.25 -24.42 -23.60
N GLU A 294 9.21 -24.51 -24.51
CA GLU A 294 10.03 -25.72 -24.59
C GLU A 294 10.96 -25.89 -23.39
N THR A 295 11.56 -24.79 -22.93
CA THR A 295 12.46 -24.88 -21.78
C THR A 295 11.70 -25.39 -20.56
N ALA A 296 10.51 -24.84 -20.33
CA ALA A 296 9.71 -25.27 -19.18
C ALA A 296 9.25 -26.72 -19.35
N ARG A 297 8.88 -27.09 -20.58
CA ARG A 297 8.44 -28.45 -20.87
C ARG A 297 9.55 -29.45 -20.53
N GLU A 298 10.78 -29.14 -20.92
CA GLU A 298 11.90 -30.04 -20.64
C GLU A 298 12.12 -30.19 -19.14
N LYS A 299 11.96 -29.10 -18.40
CA LYS A 299 12.13 -29.15 -16.96
C LYS A 299 11.05 -30.03 -16.34
N ARG A 300 9.81 -29.91 -16.84
CA ARG A 300 8.71 -30.72 -16.32
C ARG A 300 8.96 -32.19 -16.66
N ASP A 301 9.40 -32.46 -17.89
CA ASP A 301 9.66 -33.84 -18.31
C ASP A 301 10.68 -34.49 -17.37
N HIS A 302 11.74 -33.75 -17.06
CA HIS A 302 12.78 -34.27 -16.18
C HIS A 302 12.24 -34.51 -14.77
N TYR A 303 11.52 -33.53 -14.27
CA TYR A 303 10.94 -33.59 -12.92
C TYR A 303 10.04 -34.81 -12.79
N PHE A 304 9.17 -35.03 -13.77
CA PHE A 304 8.24 -36.15 -13.71
C PHE A 304 8.95 -37.49 -13.88
N LYS A 305 9.95 -37.53 -14.77
CA LYS A 305 10.70 -38.77 -14.98
C LYS A 305 11.38 -39.17 -13.68
N ARG A 306 11.98 -38.20 -12.99
CA ARG A 306 12.65 -38.46 -11.72
C ARG A 306 11.63 -38.99 -10.71
N PHE A 307 10.48 -38.32 -10.63
CA PHE A 307 9.39 -38.70 -9.73
C PHE A 307 9.05 -40.17 -9.93
N GLN A 308 8.87 -40.57 -11.20
CA GLN A 308 8.53 -41.95 -11.50
C GLN A 308 9.66 -42.90 -11.16
N SER A 309 10.90 -42.47 -11.41
CA SER A 309 12.07 -43.31 -11.12
C SER A 309 12.20 -43.57 -9.63
N PHE A 310 11.67 -42.67 -8.80
CA PHE A 310 11.77 -42.82 -7.36
C PHE A 310 10.51 -43.40 -6.72
N GLY A 311 9.73 -44.14 -7.48
CA GLY A 311 8.53 -44.76 -6.94
C GLY A 311 7.20 -44.05 -7.17
N GLY A 312 7.25 -42.81 -7.64
CA GLY A 312 6.01 -42.08 -7.87
C GLY A 312 5.17 -41.93 -6.63
N ILE A 313 5.82 -41.62 -5.51
CA ILE A 313 5.12 -41.48 -4.24
C ILE A 313 5.07 -40.03 -3.76
N VAL A 314 4.10 -39.75 -2.90
CA VAL A 314 3.92 -38.44 -2.32
C VAL A 314 5.07 -38.17 -1.35
N GLY A 315 5.47 -36.91 -1.25
CA GLY A 315 6.52 -36.55 -0.30
C GLY A 315 7.96 -36.50 -0.79
N LEU A 316 8.18 -36.71 -2.09
CA LEU A 316 9.54 -36.64 -2.61
C LEU A 316 10.00 -35.18 -2.57
N SER A 317 11.31 -34.97 -2.56
CA SER A 317 11.84 -33.60 -2.50
C SER A 317 12.13 -33.02 -3.87
N GLU A 318 11.81 -31.73 -4.03
CA GLU A 318 12.05 -31.02 -5.27
C GLU A 318 13.55 -30.95 -5.55
N VAL A 319 14.36 -31.04 -4.50
CA VAL A 319 15.81 -30.99 -4.67
C VAL A 319 16.23 -32.24 -5.42
N ASP A 320 15.57 -33.35 -5.13
CA ASP A 320 15.88 -34.62 -5.78
C ASP A 320 15.24 -34.71 -7.17
N LEU A 321 14.01 -34.23 -7.30
CA LEU A 321 13.31 -34.29 -8.57
C LEU A 321 13.94 -33.40 -9.65
N ARG A 322 14.51 -32.27 -9.24
CA ARG A 322 15.12 -31.36 -10.20
C ARG A 322 16.62 -31.55 -10.39
N GLY A 323 17.18 -32.52 -9.67
CA GLY A 323 18.62 -32.77 -9.78
C GLY A 323 18.92 -33.98 -10.67
N THR A 324 20.19 -34.36 -10.75
CA THR A 324 20.59 -35.50 -11.56
C THR A 324 21.34 -36.56 -10.76
N HIS A 325 21.58 -36.29 -9.48
CA HIS A 325 22.28 -37.23 -8.62
C HIS A 325 21.51 -38.54 -8.48
N GLU A 326 22.23 -39.64 -8.32
CA GLU A 326 21.58 -40.95 -8.19
C GLU A 326 20.90 -41.23 -6.85
N LYS A 327 21.57 -40.91 -5.75
CA LYS A 327 21.01 -41.18 -4.44
C LYS A 327 20.19 -40.03 -3.86
N LEU A 328 18.99 -40.37 -3.38
CA LEU A 328 18.08 -39.38 -2.80
C LEU A 328 18.66 -38.67 -1.59
N LEU A 329 18.52 -37.34 -1.58
CA LEU A 329 19.00 -36.54 -0.47
C LEU A 329 17.93 -36.52 0.62
N TYR A 330 16.68 -36.74 0.21
CA TYR A 330 15.56 -36.74 1.13
C TYR A 330 14.67 -37.97 0.95
N PRO A 331 15.15 -39.15 1.37
CA PRO A 331 14.33 -40.36 1.24
C PRO A 331 13.04 -40.17 2.03
N VAL A 332 11.95 -40.71 1.51
CA VAL A 332 10.64 -40.56 2.16
C VAL A 332 10.41 -41.49 3.35
N LYS A 333 9.84 -40.92 4.41
CA LYS A 333 9.52 -41.66 5.62
C LYS A 333 8.64 -42.85 5.27
N LYS B 4 -34.65 13.34 -6.12
CA LYS B 4 -35.71 13.96 -5.33
C LYS B 4 -35.19 14.37 -3.96
N ASN B 5 -34.01 13.88 -3.60
CA ASN B 5 -33.41 14.21 -2.30
C ASN B 5 -32.04 14.86 -2.48
N LEU B 6 -31.92 15.76 -3.45
CA LEU B 6 -30.65 16.44 -3.70
C LEU B 6 -30.68 17.90 -3.24
N ILE B 7 -29.58 18.34 -2.65
CA ILE B 7 -29.45 19.71 -2.17
C ILE B 7 -28.31 20.40 -2.91
N ASN B 8 -28.64 21.48 -3.63
CA ASN B 8 -27.61 22.22 -4.35
C ASN B 8 -26.83 23.06 -3.35
N ILE B 9 -25.51 22.91 -3.38
CA ILE B 9 -24.63 23.64 -2.48
C ILE B 9 -23.36 24.02 -3.23
N ASP B 10 -22.82 25.20 -2.94
CA ASP B 10 -21.62 25.66 -3.62
C ASP B 10 -20.60 26.32 -2.72
N LYS B 11 -20.79 26.19 -1.40
CA LYS B 11 -19.89 26.77 -0.42
C LYS B 11 -19.68 25.83 0.75
N PRO B 12 -18.60 26.02 1.52
CA PRO B 12 -18.36 25.15 2.67
C PRO B 12 -19.48 25.28 3.69
N ILE B 13 -19.74 24.22 4.44
CA ILE B 13 -20.75 24.23 5.48
C ILE B 13 -20.01 24.78 6.70
N LYS B 14 -20.42 25.96 7.15
CA LYS B 14 -19.75 26.66 8.25
C LYS B 14 -19.72 26.00 9.62
N GLU B 15 -20.79 25.34 10.01
CA GLU B 15 -20.82 24.75 11.33
C GLU B 15 -21.27 23.30 11.39
N LEU B 16 -20.76 22.60 12.38
CA LEU B 16 -21.13 21.23 12.62
C LEU B 16 -22.60 21.27 13.01
N PRO B 17 -23.45 20.48 12.34
CA PRO B 17 -24.87 20.51 12.69
C PRO B 17 -25.10 19.83 14.05
N ALA B 18 -26.15 20.24 14.74
CA ALA B 18 -26.48 19.70 16.05
C ALA B 18 -26.80 18.20 15.98
N SER B 19 -27.08 17.71 14.79
CA SER B 19 -27.40 16.30 14.60
C SER B 19 -26.19 15.37 14.72
N ILE B 20 -24.99 15.94 14.79
CA ILE B 20 -23.77 15.15 14.92
C ILE B 20 -23.14 15.48 16.27
N ALA B 21 -23.00 14.48 17.11
CA ALA B 21 -22.43 14.69 18.45
C ALA B 21 -20.90 14.65 18.45
N ILE B 22 -20.32 15.33 19.43
CA ILE B 22 -18.87 15.38 19.57
C ILE B 22 -18.44 14.17 20.39
N PRO B 23 -17.51 13.36 19.87
CA PRO B 23 -17.05 12.17 20.61
C PRO B 23 -16.43 12.58 21.94
N LYS B 24 -16.71 11.82 22.99
CA LYS B 24 -16.18 12.12 24.31
C LYS B 24 -14.75 11.60 24.42
N GLU B 25 -13.82 12.49 24.79
CA GLU B 25 -12.43 12.09 24.92
C GLU B 25 -12.20 11.40 26.26
N LYS B 26 -11.42 10.33 26.22
CA LYS B 26 -11.10 9.56 27.42
C LYS B 26 -10.13 10.38 28.28
N PRO B 27 -10.37 10.41 29.60
CA PRO B 27 -9.50 11.15 30.50
C PRO B 27 -8.08 10.61 30.51
N LEU B 28 -7.13 11.47 30.89
CA LEU B 28 -5.73 11.07 30.93
C LEU B 28 -5.47 10.28 32.20
N THR B 29 -4.52 9.35 32.12
CA THR B 29 -4.15 8.55 33.28
C THR B 29 -3.29 9.46 34.15
N GLY B 30 -2.99 9.02 35.37
CA GLY B 30 -2.17 9.82 36.24
C GLY B 30 -0.80 10.10 35.69
N GLU B 31 -0.17 9.09 35.10
CA GLU B 31 1.16 9.24 34.55
C GLU B 31 1.13 10.12 33.29
N GLN B 32 0.07 9.99 32.50
CA GLN B 32 -0.06 10.80 31.30
C GLN B 32 -0.17 12.27 31.68
N GLN B 33 -0.94 12.56 32.73
CA GLN B 33 -1.12 13.93 33.18
C GLN B 33 0.23 14.51 33.61
N LYS B 34 1.04 13.69 34.29
CA LYS B 34 2.35 14.15 34.74
C LYS B 34 3.24 14.53 33.56
N MET B 35 3.25 13.71 32.52
CA MET B 35 4.09 14.02 31.37
C MET B 35 3.53 15.24 30.64
N TYR B 36 2.21 15.32 30.53
CA TYR B 36 1.58 16.46 29.88
C TYR B 36 2.01 17.74 30.63
N ASP B 37 1.97 17.70 31.95
CA ASP B 37 2.34 18.87 32.74
C ASP B 37 3.79 19.33 32.49
N GLU B 38 4.68 18.39 32.21
CA GLU B 38 6.07 18.74 31.96
C GLU B 38 6.20 19.42 30.59
N VAL B 39 5.42 18.95 29.62
CA VAL B 39 5.44 19.55 28.29
C VAL B 39 4.92 20.97 28.42
N LEU B 40 3.84 21.14 29.18
CA LEU B 40 3.26 22.46 29.41
C LEU B 40 4.32 23.35 30.05
N LYS B 41 5.00 22.83 31.06
CA LYS B 41 6.03 23.60 31.75
C LYS B 41 7.12 24.05 30.78
N HIS B 42 7.58 23.13 29.93
CA HIS B 42 8.63 23.45 28.98
C HIS B 42 8.28 24.60 28.04
N PHE B 43 7.11 24.54 27.43
CA PHE B 43 6.72 25.58 26.50
C PHE B 43 6.16 26.84 27.11
N SER B 44 5.93 26.82 28.42
CA SER B 44 5.42 27.98 29.15
C SER B 44 6.56 28.82 29.72
N ASN B 45 7.77 28.29 29.62
CA ASN B 45 8.96 28.99 30.14
C ASN B 45 9.18 30.28 29.35
N PRO B 46 9.12 31.43 30.04
CA PRO B 46 9.32 32.73 29.39
C PRO B 46 10.68 32.90 28.71
N ASP B 47 11.67 32.12 29.14
CA ASP B 47 13.02 32.23 28.58
C ASP B 47 13.25 31.28 27.40
N LEU B 48 12.24 30.51 27.05
CA LEU B 48 12.36 29.57 25.93
C LEU B 48 12.59 30.25 24.59
N LYS B 49 13.57 29.74 23.85
CA LYS B 49 13.88 30.21 22.51
C LYS B 49 13.92 28.98 21.63
N VAL B 50 13.37 29.07 20.43
CA VAL B 50 13.31 27.93 19.51
C VAL B 50 13.92 28.25 18.14
N TYR B 51 14.33 27.21 17.42
CA TYR B 51 14.93 27.37 16.10
C TYR B 51 14.01 28.19 15.19
N THR B 52 14.63 28.90 14.24
CA THR B 52 13.88 29.72 13.31
C THR B 52 13.63 28.98 12.00
N SER B 53 14.18 27.78 11.90
CA SER B 53 14.04 26.97 10.69
C SER B 53 14.29 25.49 11.01
N GLU B 54 13.67 24.60 10.24
CA GLU B 54 13.89 23.17 10.42
C GLU B 54 15.04 22.76 9.49
N LYS B 55 14.89 23.03 8.20
CA LYS B 55 15.92 22.67 7.25
C LYS B 55 17.26 23.37 7.53
N ASN B 56 17.20 24.60 8.03
CA ASN B 56 18.42 25.35 8.33
C ASN B 56 18.64 25.56 9.82
N LYS B 57 18.14 24.60 10.60
CA LYS B 57 18.26 24.61 12.06
C LYS B 57 19.67 25.02 12.51
N SER B 58 19.72 25.91 13.51
CA SER B 58 21.01 26.39 14.03
C SER B 58 20.92 26.81 15.50
N GLU B 59 21.86 26.34 16.31
CA GLU B 59 21.86 26.69 17.72
C GLU B 59 22.18 28.17 17.87
N ASP B 60 22.74 28.78 16.82
CA ASP B 60 23.08 30.20 16.88
C ASP B 60 21.94 31.09 16.43
N ASP B 61 20.80 30.51 16.11
CA ASP B 61 19.66 31.31 15.69
C ASP B 61 18.38 30.79 16.34
N LEU B 62 18.13 31.26 17.55
CA LEU B 62 16.96 30.88 18.33
C LEU B 62 16.16 32.13 18.64
N LYS B 63 14.84 32.03 18.56
CA LYS B 63 13.97 33.17 18.84
C LYS B 63 12.81 32.73 19.73
N PRO B 64 12.37 33.62 20.64
CA PRO B 64 11.25 33.31 21.55
C PRO B 64 9.93 33.10 20.83
N LEU B 65 8.97 32.55 21.55
CA LEU B 65 7.65 32.30 20.99
C LEU B 65 6.90 33.60 20.81
N GLU B 66 6.26 33.75 19.65
CA GLU B 66 5.45 34.92 19.36
C GLU B 66 4.06 34.64 19.92
N GLU B 67 3.24 35.67 20.07
CA GLU B 67 1.89 35.49 20.60
C GLU B 67 1.11 34.43 19.84
N GLU B 68 1.18 34.47 18.51
CA GLU B 68 0.44 33.52 17.68
C GLU B 68 0.94 32.09 17.83
N GLU B 69 2.20 31.92 18.21
CA GLU B 69 2.74 30.58 18.39
C GLU B 69 2.23 30.02 19.72
N LYS B 70 2.08 30.90 20.71
CA LYS B 70 1.55 30.46 22.00
C LYS B 70 0.11 29.99 21.80
N ALA B 71 -0.60 30.62 20.87
CA ALA B 71 -2.00 30.25 20.59
C ALA B 71 -2.11 28.91 19.86
N TRP B 72 -1.03 28.49 19.20
CA TRP B 72 -0.98 27.22 18.48
C TRP B 72 -0.60 26.09 19.45
N LEU B 73 0.16 26.44 20.49
CA LEU B 73 0.61 25.46 21.49
C LEU B 73 -0.49 25.25 22.54
N THR B 74 -1.53 24.56 22.10
CA THR B 74 -2.69 24.27 22.94
C THR B 74 -2.56 22.94 23.67
N ARG B 75 -3.52 22.69 24.55
CA ARG B 75 -3.59 21.44 25.30
C ARG B 75 -3.63 20.27 24.33
N GLU B 76 -4.52 20.36 23.34
CA GLU B 76 -4.67 19.30 22.36
C GLU B 76 -3.45 19.16 21.44
N CYS B 77 -2.74 20.25 21.20
CA CYS B 77 -1.54 20.18 20.39
C CYS B 77 -0.54 19.30 21.14
N PHE B 78 -0.36 19.57 22.43
CA PHE B 78 0.56 18.77 23.23
C PHE B 78 0.14 17.30 23.19
N LEU B 79 -1.15 17.04 23.36
CA LEU B 79 -1.62 15.65 23.37
C LEU B 79 -1.45 14.95 22.03
N ARG B 80 -1.61 15.67 20.92
CA ARG B 80 -1.41 15.05 19.62
C ARG B 80 0.02 14.55 19.50
N TYR B 81 0.98 15.38 19.93
CA TYR B 81 2.39 14.99 19.85
C TYR B 81 2.73 13.92 20.88
N LEU B 82 2.13 13.99 22.07
CA LEU B 82 2.40 12.98 23.08
C LEU B 82 1.93 11.61 22.61
N ARG B 83 0.76 11.55 21.98
CA ARG B 83 0.28 10.27 21.48
C ARG B 83 1.13 9.79 20.30
N ALA B 84 1.50 10.70 19.41
CA ALA B 84 2.29 10.34 18.25
C ALA B 84 3.68 9.82 18.62
N THR B 85 4.24 10.37 19.70
CA THR B 85 5.58 9.98 20.14
C THR B 85 5.55 8.88 21.20
N LYS B 86 4.38 8.26 21.35
CA LYS B 86 4.22 7.16 22.29
C LYS B 86 4.62 7.55 23.72
N TRP B 87 4.31 8.78 24.07
CA TRP B 87 4.59 9.30 25.40
C TRP B 87 6.04 9.24 25.86
N VAL B 88 6.95 9.63 24.96
CA VAL B 88 8.37 9.71 25.27
C VAL B 88 8.61 11.21 25.33
N LEU B 89 8.84 11.73 26.53
CA LEU B 89 9.03 13.15 26.76
C LEU B 89 9.97 13.88 25.80
N LYS B 90 11.20 13.40 25.69
CA LYS B 90 12.18 14.04 24.83
C LYS B 90 11.72 14.09 23.38
N ASP B 91 11.22 12.97 22.89
CA ASP B 91 10.75 12.88 21.50
C ASP B 91 9.60 13.85 21.27
N CYS B 92 8.70 13.96 22.24
CA CYS B 92 7.55 14.85 22.12
C CYS B 92 8.00 16.31 22.05
N ILE B 93 8.84 16.72 23.01
CA ILE B 93 9.31 18.09 23.02
C ILE B 93 10.11 18.43 21.77
N ASP B 94 10.96 17.50 21.33
CA ASP B 94 11.76 17.75 20.15
C ASP B 94 10.87 17.90 18.90
N ARG B 95 9.87 17.04 18.78
CA ARG B 95 8.95 17.08 17.64
C ARG B 95 8.14 18.37 17.60
N ILE B 96 7.63 18.79 18.75
CA ILE B 96 6.86 20.03 18.78
C ILE B 96 7.78 21.18 18.37
N THR B 97 8.98 21.18 18.92
CA THR B 97 9.96 22.22 18.62
C THR B 97 10.28 22.30 17.14
N MET B 98 10.47 21.15 16.51
CA MET B 98 10.78 21.16 15.08
C MET B 98 9.60 21.57 14.21
N THR B 99 8.38 21.34 14.68
CA THR B 99 7.23 21.79 13.89
C THR B 99 7.13 23.31 14.02
N LEU B 100 7.41 23.85 15.20
CA LEU B 100 7.38 25.30 15.36
C LEU B 100 8.40 25.89 14.39
N ALA B 101 9.56 25.26 14.28
CA ALA B 101 10.62 25.72 13.39
C ALA B 101 10.21 25.62 11.93
N TRP B 102 9.60 24.51 11.55
CA TRP B 102 9.17 24.34 10.18
C TRP B 102 8.08 25.34 9.82
N ARG B 103 7.14 25.58 10.74
CA ARG B 103 6.07 26.53 10.45
C ARG B 103 6.64 27.91 10.19
N ARG B 104 7.71 28.25 10.90
CA ARG B 104 8.37 29.53 10.71
C ARG B 104 9.00 29.56 9.32
N GLU B 105 9.78 28.54 9.00
CA GLU B 105 10.45 28.47 7.71
C GLU B 105 9.48 28.45 6.52
N PHE B 106 8.37 27.73 6.67
CA PHE B 106 7.39 27.56 5.59
C PHE B 106 6.54 28.80 5.34
N GLY B 107 6.35 29.62 6.36
CA GLY B 107 5.54 30.82 6.20
C GLY B 107 4.14 30.75 6.76
N ILE B 108 3.92 29.90 7.76
CA ILE B 108 2.61 29.77 8.38
C ILE B 108 2.67 29.81 9.91
N SER B 109 3.66 30.50 10.46
CA SER B 109 3.81 30.57 11.91
C SER B 109 2.98 31.65 12.60
N HIS B 110 2.19 32.41 11.86
CA HIS B 110 1.41 33.49 12.45
C HIS B 110 -0.10 33.29 12.55
N LEU B 111 -0.57 32.07 12.30
CA LEU B 111 -2.00 31.77 12.34
C LEU B 111 -2.81 32.68 11.43
N GLY B 112 -2.35 32.85 10.20
CA GLY B 112 -3.07 33.65 9.24
C GLY B 112 -2.27 34.74 8.57
N GLU B 113 -2.61 35.00 7.31
CA GLU B 113 -1.93 36.05 6.57
C GLU B 113 -2.23 37.39 7.23
N GLU B 114 -3.34 37.47 7.97
CA GLU B 114 -3.71 38.70 8.65
C GLU B 114 -2.73 39.03 9.76
N HIS B 115 -1.88 38.07 10.13
CA HIS B 115 -0.87 38.26 11.16
C HIS B 115 0.55 38.19 10.59
N GLY B 116 0.67 38.10 9.28
CA GLY B 116 1.99 38.06 8.67
C GLY B 116 2.39 36.84 7.86
N ASP B 117 1.52 35.83 7.78
CA ASP B 117 1.87 34.62 7.02
C ASP B 117 2.25 34.93 5.58
N LYS B 118 3.34 34.31 5.12
CA LYS B 118 3.81 34.45 3.75
C LYS B 118 2.88 33.63 2.85
N ILE B 119 2.36 32.53 3.37
CA ILE B 119 1.45 31.70 2.60
C ILE B 119 0.07 32.33 2.68
N THR B 120 -0.35 32.96 1.60
CA THR B 120 -1.65 33.64 1.55
C THR B 120 -2.65 32.93 0.65
N ALA B 121 -3.92 33.30 0.78
CA ALA B 121 -4.97 32.71 -0.04
C ALA B 121 -4.71 33.07 -1.51
N ASP B 122 -4.27 34.30 -1.76
CA ASP B 122 -3.99 34.74 -3.13
C ASP B 122 -2.83 33.97 -3.75
N LEU B 123 -1.83 33.64 -2.94
CA LEU B 123 -0.68 32.89 -3.44
C LEU B 123 -1.06 31.51 -3.98
N VAL B 124 -1.94 30.82 -3.26
CA VAL B 124 -2.34 29.47 -3.65
C VAL B 124 -3.68 29.31 -4.35
N ALA B 125 -4.47 30.37 -4.41
CA ALA B 125 -5.81 30.29 -5.02
C ALA B 125 -5.86 29.59 -6.37
N VAL B 126 -4.91 29.91 -7.25
CA VAL B 126 -4.90 29.30 -8.58
C VAL B 126 -4.84 27.78 -8.54
N GLU B 127 -4.20 27.22 -7.52
CA GLU B 127 -4.08 25.78 -7.40
C GLU B 127 -5.41 25.07 -7.17
N ASN B 128 -6.41 25.80 -6.67
CA ASN B 128 -7.72 25.20 -6.40
C ASN B 128 -8.76 25.51 -7.46
N GLU B 129 -8.36 26.19 -8.53
CA GLU B 129 -9.30 26.56 -9.58
C GLU B 129 -10.09 25.43 -10.24
N SER B 130 -9.57 24.21 -10.20
CA SER B 130 -10.29 23.08 -10.79
C SER B 130 -10.95 22.23 -9.71
N GLY B 131 -10.92 22.72 -8.47
CA GLY B 131 -11.54 22.00 -7.36
C GLY B 131 -10.90 20.66 -7.02
N LYS B 132 -9.57 20.58 -7.10
CA LYS B 132 -8.89 19.32 -6.81
C LYS B 132 -8.86 19.04 -5.31
N GLN B 133 -9.19 20.05 -4.53
CA GLN B 133 -9.31 19.91 -3.08
C GLN B 133 -10.53 20.71 -2.66
N VAL B 134 -11.35 20.11 -1.81
CA VAL B 134 -12.58 20.75 -1.36
C VAL B 134 -12.87 20.44 0.10
N ILE B 135 -13.09 21.50 0.89
CA ILE B 135 -13.45 21.35 2.29
C ILE B 135 -14.97 21.50 2.31
N LEU B 136 -15.66 20.43 2.71
CA LEU B 136 -17.11 20.46 2.73
C LEU B 136 -17.72 19.35 3.57
N GLY B 137 -18.50 19.74 4.58
CA GLY B 137 -19.17 18.76 5.41
C GLY B 137 -18.41 18.20 6.59
N TYR B 138 -19.11 17.40 7.38
CA TYR B 138 -18.57 16.76 8.58
C TYR B 138 -19.07 15.33 8.61
N GLU B 139 -18.26 14.39 9.10
CA GLU B 139 -18.71 13.01 9.12
C GLU B 139 -19.27 12.55 10.47
N ASN B 140 -19.53 11.24 10.59
CA ASN B 140 -20.16 10.70 11.80
C ASN B 140 -19.57 11.08 13.16
N ASP B 141 -18.25 11.25 13.21
CA ASP B 141 -17.59 11.60 14.45
C ASP B 141 -17.23 13.07 14.54
N ALA B 142 -17.95 13.90 13.78
CA ALA B 142 -17.76 15.35 13.78
C ALA B 142 -16.45 15.84 13.16
N ARG B 143 -15.82 15.01 12.34
CA ARG B 143 -14.57 15.41 11.70
C ARG B 143 -14.88 16.17 10.41
N PRO B 144 -14.20 17.30 10.17
CA PRO B 144 -14.44 18.05 8.94
C PRO B 144 -13.89 17.22 7.78
N ILE B 145 -14.55 17.29 6.64
CA ILE B 145 -14.17 16.52 5.47
C ILE B 145 -13.36 17.33 4.44
N LEU B 146 -12.26 16.74 4.00
CA LEU B 146 -11.41 17.31 2.97
C LEU B 146 -11.41 16.32 1.81
N TYR B 147 -11.91 16.74 0.65
CA TYR B 147 -11.92 15.89 -0.53
C TYR B 147 -10.63 16.11 -1.31
N LEU B 148 -10.02 15.02 -1.76
CA LEU B 148 -8.81 15.09 -2.57
C LEU B 148 -9.15 14.42 -3.88
N LYS B 149 -8.98 15.15 -4.98
CA LYS B 149 -9.28 14.61 -6.30
C LYS B 149 -8.05 14.84 -7.19
N PRO B 150 -7.03 14.00 -7.03
CA PRO B 150 -5.79 14.11 -7.82
C PRO B 150 -5.99 14.00 -9.33
N GLY B 151 -7.15 13.51 -9.74
CA GLY B 151 -7.45 13.38 -11.15
C GLY B 151 -7.92 14.70 -11.74
N ARG B 152 -7.91 15.76 -10.93
CA ARG B 152 -8.32 17.09 -11.38
C ARG B 152 -7.14 18.06 -11.34
N GLN B 153 -5.93 17.52 -11.40
CA GLN B 153 -4.72 18.34 -11.38
C GLN B 153 -4.77 19.39 -12.48
N ASN B 154 -4.52 20.64 -12.10
CA ASN B 154 -4.57 21.76 -13.05
C ASN B 154 -3.26 22.54 -13.17
N THR B 155 -2.26 22.18 -12.38
CA THR B 155 -0.99 22.89 -12.43
C THR B 155 0.24 22.01 -12.58
N LYS B 156 1.33 22.64 -12.99
CA LYS B 156 2.61 21.98 -13.18
C LYS B 156 3.24 21.75 -11.80
N THR B 157 4.02 20.68 -11.68
CA THR B 157 4.67 20.36 -10.42
C THR B 157 5.53 21.55 -9.99
N SER B 158 5.31 22.02 -8.76
CA SER B 158 6.07 23.16 -8.24
C SER B 158 5.95 23.19 -6.72
N HIS B 159 6.71 24.09 -6.10
CA HIS B 159 6.66 24.22 -4.65
C HIS B 159 5.32 24.81 -4.23
N ARG B 160 4.70 25.56 -5.13
CA ARG B 160 3.41 26.18 -4.85
C ARG B 160 2.33 25.13 -4.62
N GLN B 161 2.50 23.95 -5.19
CA GLN B 161 1.54 22.87 -5.00
C GLN B 161 1.61 22.44 -3.54
N VAL B 162 2.82 22.42 -2.99
CA VAL B 162 3.02 22.02 -1.60
C VAL B 162 2.41 23.08 -0.70
N GLN B 163 2.65 24.35 -1.04
CA GLN B 163 2.10 25.46 -0.26
C GLN B 163 0.58 25.41 -0.26
N HIS B 164 0.00 25.00 -1.40
CA HIS B 164 -1.44 24.89 -1.51
C HIS B 164 -1.95 23.76 -0.61
N LEU B 165 -1.30 22.60 -0.66
CA LEU B 165 -1.73 21.47 0.17
C LEU B 165 -1.68 21.84 1.65
N VAL B 166 -0.61 22.51 2.07
CA VAL B 166 -0.49 22.91 3.46
C VAL B 166 -1.57 23.92 3.81
N PHE B 167 -1.80 24.90 2.94
CA PHE B 167 -2.84 25.90 3.17
C PHE B 167 -4.20 25.23 3.39
N MET B 168 -4.55 24.30 2.50
CA MET B 168 -5.83 23.61 2.62
C MET B 168 -5.93 22.80 3.90
N LEU B 169 -4.83 22.17 4.30
CA LEU B 169 -4.80 21.39 5.54
C LEU B 169 -5.03 22.33 6.73
N GLU B 170 -4.38 23.48 6.71
CA GLU B 170 -4.55 24.46 7.78
C GLU B 170 -6.00 24.95 7.80
N ARG B 171 -6.62 25.08 6.64
CA ARG B 171 -8.02 25.52 6.60
C ARG B 171 -8.98 24.45 7.12
N VAL B 172 -8.72 23.18 6.82
CA VAL B 172 -9.64 22.17 7.34
C VAL B 172 -9.47 22.12 8.86
N ILE B 173 -8.27 22.39 9.36
CA ILE B 173 -8.05 22.41 10.79
C ILE B 173 -8.85 23.59 11.38
N ASP B 174 -8.92 24.71 10.65
CA ASP B 174 -9.71 25.86 11.13
C ASP B 174 -11.18 25.47 11.28
N PHE B 175 -11.65 24.52 10.48
CA PHE B 175 -13.03 24.06 10.50
C PHE B 175 -13.33 23.01 11.59
N MET B 176 -12.31 22.65 12.36
CA MET B 176 -12.52 21.67 13.42
C MET B 176 -13.56 22.15 14.43
N PRO B 177 -14.62 21.37 14.66
CA PRO B 177 -15.58 21.86 15.64
C PRO B 177 -14.97 21.68 17.03
N ALA B 178 -15.35 22.54 17.97
CA ALA B 178 -14.82 22.45 19.33
C ALA B 178 -15.03 21.03 19.87
N GLY B 179 -13.94 20.38 20.26
CA GLY B 179 -14.05 19.03 20.79
C GLY B 179 -13.51 17.96 19.85
N GLN B 180 -13.17 18.35 18.62
CA GLN B 180 -12.62 17.40 17.67
C GLN B 180 -11.35 18.01 17.06
N ASP B 181 -10.34 17.19 16.84
CA ASP B 181 -9.09 17.69 16.26
C ASP B 181 -8.51 16.81 15.14
N SER B 182 -9.32 15.86 14.66
CA SER B 182 -8.89 15.00 13.57
C SER B 182 -9.82 15.25 12.37
N LEU B 183 -9.31 14.97 11.18
CA LEU B 183 -10.07 15.19 9.95
C LEU B 183 -10.36 13.89 9.22
N ALA B 184 -11.23 13.98 8.22
CA ALA B 184 -11.55 12.83 7.40
C ALA B 184 -11.18 13.20 5.98
N LEU B 185 -10.48 12.32 5.29
CA LEU B 185 -10.11 12.56 3.90
C LEU B 185 -10.95 11.67 3.02
N LEU B 186 -11.48 12.23 1.94
CA LEU B 186 -12.25 11.44 0.98
C LEU B 186 -11.44 11.59 -0.29
N ILE B 187 -10.74 10.52 -0.66
CA ILE B 187 -9.89 10.55 -1.84
C ILE B 187 -10.51 9.83 -3.02
N ASP B 188 -10.65 10.58 -4.12
CA ASP B 188 -11.25 10.09 -5.37
C ASP B 188 -10.11 10.02 -6.38
N PHE B 189 -9.78 8.80 -6.81
CA PHE B 189 -8.68 8.59 -7.75
C PHE B 189 -9.05 8.63 -9.23
N LYS B 190 -10.31 8.92 -9.53
CA LYS B 190 -10.74 8.95 -10.93
C LYS B 190 -10.09 10.07 -11.73
N ASP B 191 -9.73 9.75 -12.98
CA ASP B 191 -9.14 10.74 -13.86
C ASP B 191 -10.32 11.41 -14.55
N TYR B 192 -10.50 12.70 -14.28
CA TYR B 192 -11.61 13.47 -14.83
C TYR B 192 -11.29 14.08 -16.20
N PRO B 193 -11.99 13.61 -17.25
CA PRO B 193 -11.78 14.10 -18.62
C PRO B 193 -12.17 15.55 -18.85
N ASP B 194 -12.94 16.13 -17.93
CA ASP B 194 -13.36 17.53 -18.07
C ASP B 194 -12.25 18.49 -17.68
N VAL B 195 -11.14 17.96 -17.17
CA VAL B 195 -10.03 18.80 -16.75
C VAL B 195 -8.87 18.71 -17.76
N PRO B 196 -8.49 19.87 -18.35
CA PRO B 196 -7.41 19.95 -19.34
C PRO B 196 -6.11 19.29 -18.90
N LYS B 197 -5.44 18.67 -19.86
CA LYS B 197 -4.16 17.97 -19.69
C LYS B 197 -3.40 18.24 -18.40
N VAL B 198 -2.29 18.97 -18.52
CA VAL B 198 -1.44 19.30 -17.38
C VAL B 198 -1.37 20.82 -17.15
N PRO B 199 -1.08 21.60 -18.21
CA PRO B 199 -0.83 21.18 -19.59
C PRO B 199 0.65 20.94 -19.89
N GLY B 200 0.99 19.69 -20.20
CA GLY B 200 2.37 19.36 -20.50
C GLY B 200 2.54 17.93 -20.97
N GLY B 208 8.43 15.95 -9.61
CA GLY B 208 7.90 15.21 -8.47
C GLY B 208 8.35 15.73 -7.12
N VAL B 209 7.51 16.54 -6.48
CA VAL B 209 7.82 17.14 -5.18
C VAL B 209 7.32 16.27 -4.01
N GLY B 210 7.22 14.97 -4.26
CA GLY B 210 6.74 14.04 -3.25
C GLY B 210 7.49 13.94 -1.95
N LYS B 211 8.81 14.07 -2.00
CA LYS B 211 9.62 13.98 -0.81
C LYS B 211 9.28 15.05 0.22
N GLU B 212 9.08 16.29 -0.23
CA GLU B 212 8.75 17.37 0.71
C GLU B 212 7.38 17.13 1.32
N VAL B 213 6.41 16.74 0.50
CA VAL B 213 5.06 16.47 0.99
C VAL B 213 5.11 15.34 2.01
N LEU B 214 5.83 14.28 1.69
CA LEU B 214 5.94 13.16 2.61
C LEU B 214 6.53 13.60 3.95
N HIS B 215 7.60 14.38 3.90
CA HIS B 215 8.22 14.86 5.13
C HIS B 215 7.24 15.66 5.98
N ILE B 216 6.53 16.57 5.35
CA ILE B 216 5.57 17.39 6.07
C ILE B 216 4.48 16.53 6.71
N LEU B 217 3.88 15.64 5.93
CA LEU B 217 2.80 14.81 6.45
C LEU B 217 3.22 13.84 7.54
N GLN B 218 4.44 13.33 7.44
CA GLN B 218 4.94 12.36 8.42
C GLN B 218 5.58 12.99 9.65
N THR B 219 5.83 14.29 9.58
CA THR B 219 6.51 14.95 10.69
C THR B 219 5.75 16.05 11.40
N HIS B 220 5.00 16.84 10.65
CA HIS B 220 4.34 18.01 11.22
C HIS B 220 2.84 18.04 11.44
N TYR B 221 2.16 16.92 11.23
CA TYR B 221 0.73 16.86 11.45
C TYR B 221 0.33 15.58 12.17
N PRO B 222 0.94 15.33 13.32
CA PRO B 222 0.60 14.12 14.06
C PRO B 222 -0.85 14.05 14.54
N GLU B 223 -1.39 12.84 14.51
CA GLU B 223 -2.74 12.56 15.00
C GLU B 223 -3.86 13.38 14.35
N ARG B 224 -3.72 13.67 13.06
CA ARG B 224 -4.74 14.41 12.35
C ARG B 224 -5.61 13.52 11.47
N LEU B 225 -5.09 12.38 11.04
CA LEU B 225 -5.87 11.51 10.18
C LEU B 225 -6.86 10.66 10.96
N GLY B 226 -8.13 11.03 10.89
CA GLY B 226 -9.16 10.27 11.59
C GLY B 226 -9.64 9.11 10.74
N LYS B 227 -9.94 9.40 9.48
CA LYS B 227 -10.41 8.38 8.55
C LYS B 227 -10.02 8.78 7.15
N ALA B 228 -9.71 7.79 6.31
CA ALA B 228 -9.38 8.04 4.92
C ALA B 228 -10.29 7.15 4.08
N LEU B 229 -11.26 7.77 3.42
CA LEU B 229 -12.21 7.06 2.58
C LEU B 229 -11.68 7.11 1.15
N LEU B 230 -11.50 5.94 0.55
CA LEU B 230 -10.96 5.84 -0.79
C LEU B 230 -11.98 5.33 -1.80
N THR B 231 -12.01 5.92 -2.99
CA THR B 231 -12.94 5.49 -4.01
C THR B 231 -12.38 5.66 -5.42
N ASN B 232 -12.98 4.97 -6.37
CA ASN B 232 -12.55 5.01 -7.76
C ASN B 232 -11.08 4.61 -7.87
N ILE B 233 -10.70 3.59 -7.11
CA ILE B 233 -9.32 3.10 -7.11
C ILE B 233 -9.08 2.23 -8.35
N PRO B 234 -8.01 2.51 -9.10
CA PRO B 234 -7.71 1.71 -10.29
C PRO B 234 -7.59 0.26 -9.88
N TRP B 235 -8.22 -0.64 -10.64
CA TRP B 235 -8.20 -2.06 -10.33
C TRP B 235 -6.80 -2.57 -9.98
N LEU B 236 -5.79 -2.08 -10.71
CA LEU B 236 -4.42 -2.49 -10.48
C LEU B 236 -3.96 -2.07 -9.08
N ALA B 237 -4.13 -0.79 -8.77
CA ALA B 237 -3.74 -0.25 -7.47
C ALA B 237 -4.57 -0.93 -6.38
N TRP B 238 -5.82 -1.23 -6.69
CA TRP B 238 -6.74 -1.89 -5.76
C TRP B 238 -6.17 -3.25 -5.38
N THR B 239 -5.66 -3.97 -6.37
CA THR B 239 -5.11 -5.29 -6.14
C THR B 239 -3.93 -5.24 -5.19
N PHE B 240 -3.01 -4.32 -5.42
CA PHE B 240 -1.85 -4.20 -4.55
C PHE B 240 -2.25 -3.78 -3.13
N LEU B 241 -3.29 -2.95 -3.02
CA LEU B 241 -3.77 -2.53 -1.72
C LEU B 241 -4.31 -3.73 -0.96
N LYS B 242 -5.12 -4.55 -1.64
CA LYS B 242 -5.69 -5.73 -1.04
C LYS B 242 -4.62 -6.73 -0.64
N LEU B 243 -3.55 -6.80 -1.43
CA LEU B 243 -2.44 -7.72 -1.16
C LEU B 243 -1.64 -7.34 0.08
N ILE B 244 -1.44 -6.05 0.31
CA ILE B 244 -0.67 -5.62 1.47
C ILE B 244 -1.53 -5.38 2.71
N HIS B 245 -2.82 -5.18 2.51
CA HIS B 245 -3.75 -4.90 3.61
C HIS B 245 -3.67 -5.85 4.81
N PRO B 246 -3.52 -7.15 4.58
CA PRO B 246 -3.45 -8.08 5.72
C PRO B 246 -2.21 -7.83 6.59
N PHE B 247 -1.22 -7.15 6.02
CA PHE B 247 0.03 -6.89 6.73
C PHE B 247 0.17 -5.50 7.34
N ILE B 248 -0.90 -4.72 7.29
CA ILE B 248 -0.89 -3.37 7.87
C ILE B 248 -1.34 -3.48 9.33
N ASP B 249 -0.69 -2.73 10.22
CA ASP B 249 -1.03 -2.77 11.64
C ASP B 249 -2.50 -2.39 11.85
N PRO B 250 -3.14 -3.00 12.86
CA PRO B 250 -4.55 -2.78 13.22
C PRO B 250 -4.99 -1.33 13.33
N LEU B 251 -4.23 -0.52 14.06
CA LEU B 251 -4.56 0.89 14.24
C LEU B 251 -4.70 1.62 12.90
N THR B 252 -3.75 1.39 12.00
CA THR B 252 -3.78 2.03 10.70
C THR B 252 -4.91 1.47 9.85
N ARG B 253 -5.14 0.16 9.94
CA ARG B 253 -6.21 -0.45 9.18
C ARG B 253 -7.57 0.14 9.53
N GLU B 254 -7.77 0.48 10.80
CA GLU B 254 -9.03 1.06 11.23
C GLU B 254 -9.32 2.43 10.62
N LYS B 255 -8.27 3.08 10.12
CA LYS B 255 -8.41 4.40 9.53
C LYS B 255 -8.80 4.38 8.06
N LEU B 256 -8.44 3.30 7.37
CA LEU B 256 -8.73 3.18 5.95
C LEU B 256 -10.09 2.59 5.63
N VAL B 257 -10.81 3.23 4.73
CA VAL B 257 -12.11 2.76 4.33
C VAL B 257 -12.17 2.65 2.81
N PHE B 258 -12.54 1.47 2.32
CA PHE B 258 -12.69 1.24 0.88
C PHE B 258 -13.63 0.07 0.63
N ASP B 259 -14.28 0.10 -0.53
CA ASP B 259 -15.23 -0.93 -0.92
C ASP B 259 -16.39 -1.02 0.07
N GLU B 260 -16.74 0.14 0.63
CA GLU B 260 -17.87 0.26 1.57
C GLU B 260 -18.60 1.53 1.20
N PRO B 261 -19.92 1.58 1.47
CA PRO B 261 -20.66 2.80 1.14
C PRO B 261 -20.20 3.93 2.04
N PHE B 262 -19.90 5.08 1.46
CA PHE B 262 -19.46 6.24 2.24
C PHE B 262 -20.52 6.72 3.22
N VAL B 263 -21.79 6.47 2.91
CA VAL B 263 -22.88 6.89 3.80
C VAL B 263 -22.84 6.15 5.12
N LYS B 264 -22.02 5.11 5.20
CA LYS B 264 -21.90 4.33 6.42
C LYS B 264 -21.03 5.11 7.41
N TYR B 265 -20.25 6.04 6.87
CA TYR B 265 -19.33 6.84 7.69
C TYR B 265 -19.62 8.34 7.70
N VAL B 266 -20.51 8.78 6.81
CA VAL B 266 -20.86 10.19 6.69
C VAL B 266 -22.35 10.36 6.52
N PRO B 267 -22.96 11.33 7.24
CA PRO B 267 -24.41 11.51 7.08
C PRO B 267 -24.68 11.88 5.62
N LYS B 268 -25.80 11.39 5.08
CA LYS B 268 -26.14 11.67 3.70
C LYS B 268 -26.17 13.16 3.36
N ASN B 269 -26.67 13.98 4.28
CA ASN B 269 -26.77 15.41 4.04
C ASN B 269 -25.44 16.15 4.25
N GLU B 270 -24.37 15.38 4.44
CA GLU B 270 -23.03 15.94 4.63
C GLU B 270 -22.08 15.36 3.59
N LEU B 271 -22.62 14.58 2.67
CA LEU B 271 -21.81 13.90 1.66
C LEU B 271 -22.17 14.24 0.21
N ASP B 272 -21.14 14.42 -0.61
CA ASP B 272 -21.32 14.72 -2.03
C ASP B 272 -22.11 13.60 -2.70
N SER B 273 -23.11 13.97 -3.51
CA SER B 273 -23.96 13.00 -4.20
C SER B 273 -23.17 12.09 -5.14
N LEU B 274 -22.00 12.53 -5.58
CA LEU B 274 -21.17 11.72 -6.46
C LEU B 274 -20.74 10.45 -5.76
N TYR B 275 -20.73 10.48 -4.44
CA TYR B 275 -20.30 9.34 -3.65
C TYR B 275 -21.44 8.72 -2.84
N GLY B 276 -22.67 9.01 -3.23
CA GLY B 276 -23.82 8.44 -2.55
C GLY B 276 -24.59 9.35 -1.62
N GLY B 277 -24.13 10.57 -1.43
CA GLY B 277 -24.81 11.50 -0.54
C GLY B 277 -25.94 12.30 -1.18
N ASP B 278 -26.40 13.32 -0.45
CA ASP B 278 -27.47 14.17 -0.95
C ASP B 278 -27.02 15.57 -1.36
N LEU B 279 -25.73 15.86 -1.20
CA LEU B 279 -25.23 17.18 -1.57
C LEU B 279 -24.82 17.25 -3.05
N LYS B 280 -25.57 18.02 -3.83
CA LYS B 280 -25.24 18.19 -5.24
C LYS B 280 -24.27 19.37 -5.29
N PHE B 281 -22.99 19.06 -5.23
CA PHE B 281 -21.95 20.08 -5.21
C PHE B 281 -21.28 20.31 -6.57
N LYS B 282 -21.25 21.58 -6.98
CA LYS B 282 -20.60 21.97 -8.22
C LYS B 282 -19.56 22.99 -7.83
N TYR B 283 -18.31 22.74 -8.19
CA TYR B 283 -17.25 23.66 -7.84
C TYR B 283 -17.21 24.88 -8.75
N ASN B 284 -17.46 26.03 -8.14
CA ASN B 284 -17.45 27.33 -8.81
C ASN B 284 -16.42 28.12 -8.03
N HIS B 285 -15.20 28.20 -8.56
CA HIS B 285 -14.12 28.89 -7.87
C HIS B 285 -14.45 30.28 -7.33
N ASP B 286 -15.03 31.13 -8.17
CA ASP B 286 -15.36 32.49 -7.73
C ASP B 286 -16.41 32.58 -6.63
N VAL B 287 -17.10 31.48 -6.35
CA VAL B 287 -18.10 31.45 -5.29
C VAL B 287 -17.52 30.72 -4.09
N TYR B 288 -17.00 29.52 -4.34
CA TYR B 288 -16.46 28.69 -3.28
C TYR B 288 -15.21 29.24 -2.58
N TRP B 289 -14.22 29.66 -3.35
CA TRP B 289 -12.99 30.14 -2.75
C TRP B 289 -13.16 31.31 -1.77
N PRO B 290 -13.84 32.39 -2.18
CA PRO B 290 -14.00 33.50 -1.23
C PRO B 290 -14.76 33.10 0.03
N ALA B 291 -15.70 32.17 -0.13
CA ALA B 291 -16.50 31.71 0.98
C ALA B 291 -15.61 30.90 1.94
N LEU B 292 -14.76 30.05 1.37
CA LEU B 292 -13.85 29.26 2.21
C LEU B 292 -12.91 30.16 2.99
N VAL B 293 -12.27 31.09 2.29
CA VAL B 293 -11.32 32.01 2.91
C VAL B 293 -11.97 32.82 4.02
N GLU B 294 -13.16 33.35 3.77
CA GLU B 294 -13.83 34.15 4.80
C GLU B 294 -14.31 33.32 5.98
N THR B 295 -14.85 32.14 5.72
CA THR B 295 -15.32 31.29 6.80
C THR B 295 -14.16 30.89 7.72
N ALA B 296 -13.04 30.49 7.12
CA ALA B 296 -11.88 30.10 7.91
C ALA B 296 -11.32 31.30 8.66
N ARG B 297 -11.29 32.47 8.02
CA ARG B 297 -10.79 33.68 8.65
C ARG B 297 -11.62 34.04 9.88
N GLU B 298 -12.95 33.93 9.77
CA GLU B 298 -13.83 34.23 10.88
C GLU B 298 -13.56 33.27 12.04
N LYS B 299 -13.32 32.01 11.72
CA LYS B 299 -13.01 31.02 12.76
C LYS B 299 -11.69 31.36 13.43
N ARG B 300 -10.70 31.77 12.65
CA ARG B 300 -9.40 32.13 13.22
C ARG B 300 -9.52 33.37 14.11
N ASP B 301 -10.31 34.34 13.66
CA ASP B 301 -10.50 35.56 14.43
C ASP B 301 -11.08 35.24 15.80
N HIS B 302 -12.08 34.35 15.82
CA HIS B 302 -12.73 33.96 17.07
C HIS B 302 -11.77 33.23 17.99
N TYR B 303 -11.04 32.27 17.42
CA TYR B 303 -10.07 31.47 18.15
C TYR B 303 -9.02 32.36 18.81
N PHE B 304 -8.47 33.30 18.04
CA PHE B 304 -7.45 34.20 18.58
C PHE B 304 -8.02 35.19 19.59
N LYS B 305 -9.24 35.66 19.37
CA LYS B 305 -9.86 36.60 20.31
C LYS B 305 -10.07 35.90 21.65
N ARG B 306 -10.49 34.64 21.60
CA ARG B 306 -10.71 33.87 22.82
C ARG B 306 -9.37 33.68 23.53
N PHE B 307 -8.34 33.34 22.76
CA PHE B 307 -7.00 33.14 23.27
C PHE B 307 -6.56 34.38 24.07
N GLN B 308 -6.72 35.55 23.47
CA GLN B 308 -6.33 36.79 24.13
C GLN B 308 -7.19 37.05 25.36
N SER B 309 -8.48 36.71 25.29
CA SER B 309 -9.39 36.96 26.41
C SER B 309 -9.05 36.09 27.62
N PHE B 310 -8.39 34.97 27.36
CA PHE B 310 -8.04 34.05 28.44
C PHE B 310 -6.58 34.18 28.88
N GLY B 311 -6.00 35.35 28.66
CA GLY B 311 -4.63 35.60 29.09
C GLY B 311 -3.52 35.44 28.05
N GLY B 312 -3.86 34.91 26.89
CA GLY B 312 -2.86 34.72 25.85
C GLY B 312 -1.71 33.86 26.32
N ILE B 313 -2.04 32.77 27.04
CA ILE B 313 -1.02 31.87 27.55
C ILE B 313 -0.97 30.55 26.81
N VAL B 314 0.17 29.88 26.93
CA VAL B 314 0.39 28.57 26.33
C VAL B 314 -0.46 27.57 27.09
N GLY B 315 -0.96 26.55 26.40
CA GLY B 315 -1.72 25.53 27.09
C GLY B 315 -3.23 25.60 27.17
N LEU B 316 -3.84 26.59 26.54
CA LEU B 316 -5.30 26.68 26.56
C LEU B 316 -5.85 25.55 25.70
N SER B 317 -7.09 25.15 25.95
CA SER B 317 -7.72 24.09 25.20
C SER B 317 -8.50 24.57 24.00
N GLU B 318 -8.40 23.81 22.91
CA GLU B 318 -9.10 24.13 21.68
C GLU B 318 -10.63 24.06 21.90
N VAL B 319 -11.05 23.29 22.90
CA VAL B 319 -12.48 23.18 23.20
C VAL B 319 -12.97 24.54 23.68
N ASP B 320 -12.12 25.23 24.43
CA ASP B 320 -12.45 26.55 24.95
C ASP B 320 -12.25 27.64 23.90
N LEU B 321 -11.14 27.57 23.17
CA LEU B 321 -10.85 28.58 22.14
C LEU B 321 -11.86 28.59 21.00
N ARG B 322 -12.37 27.42 20.64
CA ARG B 322 -13.33 27.35 19.53
C ARG B 322 -14.78 27.45 19.99
N GLY B 323 -14.99 27.46 21.30
CA GLY B 323 -16.34 27.55 21.84
C GLY B 323 -16.76 28.97 22.22
N THR B 324 -17.93 29.09 22.84
CA THR B 324 -18.43 30.40 23.25
C THR B 324 -18.77 30.50 24.73
N HIS B 325 -18.70 29.37 25.43
CA HIS B 325 -19.02 29.37 26.86
C HIS B 325 -18.10 30.33 27.62
N GLU B 326 -18.65 30.96 28.67
CA GLU B 326 -17.91 31.93 29.47
C GLU B 326 -16.77 31.36 30.32
N LYS B 327 -17.04 30.27 31.02
CA LYS B 327 -16.06 29.66 31.91
C LYS B 327 -15.21 28.58 31.24
N LEU B 328 -13.91 28.62 31.46
CA LEU B 328 -12.99 27.64 30.88
C LEU B 328 -13.28 26.23 31.38
N LEU B 329 -13.30 25.27 30.47
CA LEU B 329 -13.51 23.88 30.82
C LEU B 329 -12.18 23.25 31.19
N TYR B 330 -11.11 23.82 30.64
CA TYR B 330 -9.75 23.35 30.89
C TYR B 330 -8.83 24.47 31.33
N PRO B 331 -9.05 25.02 32.55
CA PRO B 331 -8.20 26.10 33.04
C PRO B 331 -6.76 25.60 33.15
N VAL B 332 -5.80 26.47 32.86
CA VAL B 332 -4.40 26.10 32.92
C VAL B 332 -3.85 26.23 34.34
#